data_7CMY
#
_entry.id   7CMY
#
_cell.length_a   94.910
_cell.length_b   94.910
_cell.length_c   196.156
_cell.angle_alpha   90.000
_cell.angle_beta   90.000
_cell.angle_gamma   90.000
#
_symmetry.space_group_name_H-M   'P 41 21 2'
#
loop_
_entity.id
_entity.type
_entity.pdbx_description
1 polymer 'Isocitrate lyase'
2 non-polymer 'MAGNESIUM ION'
3 non-polymer 'SUCCINIC ACID'
4 non-polymer 'GLYOXYLIC ACID'
5 water water
#
_entity_poly.entity_id   1
_entity_poly.type   'polypeptide(L)'
_entity_poly.pdbx_seq_one_letter_code
;MKNERIEKLQESWELDERWEGITRPYSAEDVIRLRGSIDIEHTLARRGAEKLWTSLHTEDYINALGALTGNQAMQQVKAG
LKAIYLSGWQVAADANLSGHMYPDQSLYPANSVPAVVKRINQTLQRADQIQHMEGSDDTDYFVPIVADAEAGFGGQLNVF
ELMKGMIEAGASGVHFEDQLSSEKKCGHLGGKVLLPTQTAVRNLISARLAADVMGVPTIIVARTDADAADLITSDIDPVD
KAFITGERTPEGFYRTNAGLDQAIARGLAYAPYADLVWCETSEPNLEDAKRFADAIHKEHPGKLLAYNCSPSFNWKQKLD
EKAIASFQKEIASYGYKFQFVTLAGFHSLNYGMFELARGYKERGMAAYSELQQAEFAAEKHGYSATRHQREVGTGYFDEV
AQVITGGTSSTTALKGSTEEAQFTKLEHHHHHH
;
_entity_poly.pdbx_strand_id   C,A
#
loop_
_chem_comp.id
_chem_comp.type
_chem_comp.name
_chem_comp.formula
GLV non-polymer 'GLYOXYLIC ACID' 'C2 H2 O3'
MG non-polymer 'MAGNESIUM ION' 'Mg 2'
SIN non-polymer 'SUCCINIC ACID' 'C4 H6 O4'
#
# COMPACT_ATOMS: atom_id res chain seq x y z
N LYS A 2 -1.43 -22.31 -39.22
CA LYS A 2 -0.10 -21.64 -38.97
C LYS A 2 0.06 -20.41 -39.88
N ASN A 3 -0.02 -20.55 -41.22
CA ASN A 3 0.09 -19.43 -42.19
C ASN A 3 -1.02 -18.41 -41.89
N GLU A 4 -2.23 -18.86 -41.56
CA GLU A 4 -3.32 -18.01 -41.00
C GLU A 4 -2.67 -16.96 -40.07
N ARG A 5 -2.21 -17.36 -38.87
CA ARG A 5 -1.83 -16.45 -37.74
C ARG A 5 -0.54 -15.66 -38.02
N ILE A 6 0.38 -16.26 -38.79
CA ILE A 6 1.70 -15.68 -39.18
C ILE A 6 1.45 -14.41 -39.99
N GLU A 7 0.33 -14.36 -40.72
CA GLU A 7 0.11 -13.38 -41.81
C GLU A 7 -0.57 -12.16 -41.21
N LYS A 8 -1.59 -12.36 -40.37
CA LYS A 8 -2.17 -11.23 -39.59
C LYS A 8 -1.02 -10.46 -38.95
N LEU A 9 0.01 -11.18 -38.52
CA LEU A 9 1.18 -10.67 -37.76
C LEU A 9 2.14 -9.97 -38.73
N GLN A 10 2.55 -10.69 -39.76
CA GLN A 10 3.43 -10.23 -40.87
C GLN A 10 2.86 -8.93 -41.45
N GLU A 11 1.55 -8.92 -41.73
CA GLU A 11 0.80 -7.77 -42.30
C GLU A 11 1.10 -6.54 -41.44
N SER A 12 0.74 -6.65 -40.15
CA SER A 12 0.69 -5.54 -39.16
C SER A 12 2.07 -4.92 -38.95
N TRP A 13 3.10 -5.75 -39.01
CA TRP A 13 4.52 -5.35 -38.95
C TRP A 13 4.91 -4.46 -40.13
N GLU A 14 4.27 -4.62 -41.30
CA GLU A 14 4.67 -3.96 -42.56
C GLU A 14 3.77 -2.77 -42.88
N LEU A 15 2.59 -2.70 -42.25
CA LEU A 15 1.47 -1.79 -42.65
C LEU A 15 1.19 -0.76 -41.56
N ASP A 16 1.10 -1.19 -40.29
CA ASP A 16 0.72 -0.33 -39.15
C ASP A 16 1.88 0.63 -38.87
N GLU A 17 1.58 1.93 -38.81
CA GLU A 17 2.57 3.04 -38.60
C GLU A 17 3.17 2.90 -37.19
N ARG A 18 2.48 2.19 -36.31
CA ARG A 18 2.94 1.75 -34.96
C ARG A 18 4.41 1.27 -35.01
N TRP A 19 4.77 0.42 -35.98
CA TRP A 19 6.10 -0.25 -36.02
C TRP A 19 7.06 0.46 -36.98
N GLU A 20 6.82 1.72 -37.30
CA GLU A 20 7.74 2.49 -38.19
C GLU A 20 9.00 2.85 -37.37
N GLY A 21 10.17 2.51 -37.90
CA GLY A 21 11.46 2.82 -37.30
C GLY A 21 11.83 1.80 -36.24
N ILE A 22 11.13 0.65 -36.23
CA ILE A 22 11.37 -0.48 -35.27
C ILE A 22 11.93 -1.66 -36.07
N THR A 23 13.05 -2.25 -35.64
CA THR A 23 13.49 -3.54 -36.22
C THR A 23 12.98 -4.66 -35.31
N ARG A 24 12.66 -5.79 -35.94
CA ARG A 24 12.53 -7.16 -35.38
C ARG A 24 13.56 -8.05 -36.08
N PRO A 25 14.58 -8.57 -35.35
CA PRO A 25 15.53 -9.54 -35.91
C PRO A 25 15.06 -10.99 -35.74
N TYR A 26 13.78 -11.21 -35.96
CA TYR A 26 13.12 -12.55 -35.91
C TYR A 26 11.90 -12.44 -36.80
N SER A 27 11.23 -13.57 -37.03
CA SER A 27 10.15 -13.67 -38.04
C SER A 27 8.82 -13.93 -37.33
N ALA A 28 7.71 -13.60 -37.99
CA ALA A 28 6.36 -13.99 -37.56
C ALA A 28 6.34 -15.51 -37.30
N GLU A 29 6.95 -16.33 -38.14
CA GLU A 29 7.01 -17.82 -37.96
C GLU A 29 7.56 -18.14 -36.55
N ASP A 30 8.72 -17.57 -36.16
CA ASP A 30 9.31 -17.69 -34.80
C ASP A 30 8.27 -17.28 -33.73
N VAL A 31 7.61 -16.15 -33.90
CA VAL A 31 6.62 -15.69 -32.88
C VAL A 31 5.52 -16.76 -32.74
N ILE A 32 5.00 -17.31 -33.83
CA ILE A 32 3.81 -18.22 -33.75
C ILE A 32 4.29 -19.56 -33.21
N ARG A 33 5.53 -19.96 -33.51
CA ARG A 33 6.17 -21.22 -33.00
C ARG A 33 6.21 -21.19 -31.45
N LEU A 34 6.34 -19.99 -30.86
CA LEU A 34 6.53 -19.82 -29.41
C LEU A 34 5.20 -19.54 -28.70
N ARG A 35 4.11 -19.33 -29.43
CA ARG A 35 2.88 -18.78 -28.83
C ARG A 35 2.14 -19.93 -28.13
N GLY A 36 2.15 -21.11 -28.75
CA GLY A 36 1.22 -22.20 -28.44
C GLY A 36 0.10 -22.26 -29.47
N SER A 37 -0.80 -23.25 -29.35
CA SER A 37 -1.79 -23.55 -30.41
C SER A 37 -3.00 -22.59 -30.38
N ILE A 38 -3.23 -21.81 -29.32
CA ILE A 38 -4.40 -20.87 -29.27
C ILE A 38 -3.90 -19.44 -29.05
N ASP A 39 -4.73 -18.46 -29.44
CA ASP A 39 -4.56 -17.01 -29.17
C ASP A 39 -5.41 -16.64 -27.96
N ILE A 40 -4.78 -16.24 -26.85
CA ILE A 40 -5.46 -15.70 -25.63
C ILE A 40 -5.47 -14.17 -25.73
N GLU A 41 -6.63 -13.54 -25.52
CA GLU A 41 -6.82 -12.05 -25.60
C GLU A 41 -6.40 -11.44 -24.25
N HIS A 42 -5.82 -10.24 -24.22
CA HIS A 42 -5.45 -9.49 -22.98
C HIS A 42 -6.00 -8.08 -23.09
N THR A 43 -7.29 -7.92 -22.79
CA THR A 43 -8.08 -6.73 -23.16
C THR A 43 -7.39 -5.46 -22.62
N LEU A 44 -7.16 -5.40 -21.33
CA LEU A 44 -6.66 -4.14 -20.72
C LEU A 44 -5.24 -3.81 -21.23
N ALA A 45 -4.40 -4.80 -21.52
CA ALA A 45 -3.03 -4.56 -22.04
C ALA A 45 -3.13 -3.96 -23.45
N ARG A 46 -4.03 -4.47 -24.28
CA ARG A 46 -4.21 -3.98 -25.66
C ARG A 46 -4.76 -2.55 -25.60
N ARG A 47 -5.90 -2.38 -24.93
CA ARG A 47 -6.65 -1.10 -24.95
C ARG A 47 -5.70 -0.03 -24.39
N GLY A 48 -4.94 -0.37 -23.34
CA GLY A 48 -3.99 0.57 -22.72
C GLY A 48 -2.84 0.97 -23.65
N ALA A 49 -2.21 0.02 -24.32
CA ALA A 49 -1.08 0.26 -25.25
C ALA A 49 -1.56 1.13 -26.41
N GLU A 50 -2.80 0.94 -26.86
CA GLU A 50 -3.38 1.65 -28.03
C GLU A 50 -3.64 3.10 -27.61
N LYS A 51 -4.21 3.30 -26.41
CA LYS A 51 -4.56 4.61 -25.77
C LYS A 51 -3.29 5.43 -25.47
N LEU A 52 -2.26 4.78 -24.92
CA LEU A 52 -0.98 5.46 -24.52
C LEU A 52 -0.26 5.94 -25.77
N TRP A 53 -0.15 5.08 -26.78
CA TRP A 53 0.45 5.42 -28.10
C TRP A 53 -0.25 6.63 -28.71
N THR A 54 -1.56 6.49 -28.91
CA THR A 54 -2.44 7.54 -29.47
C THR A 54 -2.19 8.89 -28.77
N SER A 55 -2.25 8.92 -27.44
CA SER A 55 -2.17 10.16 -26.62
C SER A 55 -0.76 10.72 -26.65
N LEU A 56 0.25 9.90 -26.93
CA LEU A 56 1.66 10.37 -27.12
C LEU A 56 1.81 11.13 -28.43
N HIS A 57 0.99 10.85 -29.44
CA HIS A 57 1.04 11.51 -30.77
C HIS A 57 -0.01 12.63 -30.84
N THR A 58 -0.82 12.83 -29.79
CA THR A 58 -1.98 13.76 -29.76
C THR A 58 -1.78 14.93 -28.79
N GLU A 59 -1.15 14.70 -27.62
CA GLU A 59 -1.04 15.73 -26.54
C GLU A 59 0.30 16.47 -26.71
N ASP A 60 0.36 17.74 -26.32
CA ASP A 60 1.67 18.44 -26.23
C ASP A 60 2.66 17.47 -25.58
N TYR A 61 2.25 16.85 -24.47
CA TYR A 61 3.01 15.77 -23.79
C TYR A 61 2.11 15.09 -22.76
N ILE A 62 2.55 13.93 -22.25
CA ILE A 62 1.87 13.17 -21.18
C ILE A 62 2.79 13.17 -19.95
N ASN A 63 2.27 13.69 -18.82
CA ASN A 63 2.99 13.73 -17.54
C ASN A 63 2.27 12.87 -16.49
N ALA A 64 3.05 12.08 -15.74
CA ALA A 64 2.62 11.03 -14.77
C ALA A 64 3.33 11.24 -13.42
N LEU A 65 2.78 10.65 -12.36
CA LEU A 65 3.41 10.53 -11.03
C LEU A 65 3.50 9.04 -10.69
N GLY A 66 4.47 8.67 -9.88
CA GLY A 66 4.55 7.30 -9.33
C GLY A 66 3.36 6.99 -8.44
N ALA A 67 2.68 5.90 -8.77
CA ALA A 67 1.60 5.30 -7.95
C ALA A 67 2.13 4.01 -7.29
N LEU A 68 1.88 3.80 -6.00
CA LEU A 68 2.27 2.49 -5.39
C LEU A 68 1.06 1.78 -4.79
N THR A 69 -0.14 2.35 -4.91
CA THR A 69 -1.42 1.69 -4.54
C THR A 69 -2.54 2.10 -5.52
N GLY A 70 -3.53 1.23 -5.67
CA GLY A 70 -4.74 1.50 -6.45
C GLY A 70 -5.28 2.87 -6.12
N ASN A 71 -5.49 3.16 -4.84
CA ASN A 71 -6.11 4.44 -4.41
C ASN A 71 -5.31 5.60 -5.01
N GLN A 72 -3.98 5.59 -4.86
CA GLN A 72 -3.09 6.68 -5.36
C GLN A 72 -3.34 6.91 -6.86
N ALA A 73 -3.19 5.86 -7.68
CA ALA A 73 -3.51 5.84 -9.14
C ALA A 73 -4.90 6.44 -9.41
N MET A 74 -5.88 6.02 -8.63
CA MET A 74 -7.29 6.46 -8.70
C MET A 74 -7.40 7.99 -8.49
N GLN A 75 -6.75 8.54 -7.46
CA GLN A 75 -6.72 10.01 -7.28
C GLN A 75 -5.98 10.67 -8.47
N GLN A 76 -4.99 10.02 -9.08
CA GLN A 76 -4.21 10.66 -10.19
C GLN A 76 -5.14 10.79 -11.40
N VAL A 77 -5.96 9.79 -11.68
CA VAL A 77 -6.90 9.80 -12.85
C VAL A 77 -7.96 10.91 -12.66
N LYS A 78 -8.59 10.90 -11.48
CA LYS A 78 -9.63 11.84 -11.02
C LYS A 78 -9.16 13.29 -11.14
N ALA A 79 -7.89 13.55 -10.85
CA ALA A 79 -7.28 14.90 -10.86
C ALA A 79 -6.97 15.35 -12.30
N GLY A 80 -6.94 14.43 -13.28
CA GLY A 80 -6.90 14.75 -14.72
C GLY A 80 -5.66 14.25 -15.40
N LEU A 81 -4.81 13.46 -14.73
CA LEU A 81 -3.57 12.91 -15.35
C LEU A 81 -3.92 11.75 -16.31
N LYS A 82 -3.10 11.57 -17.35
CA LYS A 82 -3.40 10.76 -18.56
C LYS A 82 -2.51 9.52 -18.60
N ALA A 83 -1.70 9.32 -17.57
CA ALA A 83 -0.97 8.05 -17.34
C ALA A 83 -0.54 7.93 -15.89
N ILE A 84 -0.23 6.71 -15.53
CA ILE A 84 0.24 6.32 -14.18
C ILE A 84 1.62 5.75 -14.41
N TYR A 85 2.63 6.29 -13.70
CA TYR A 85 3.96 5.66 -13.60
C TYR A 85 3.99 4.68 -12.40
N LEU A 86 4.51 3.48 -12.65
CA LEU A 86 4.70 2.41 -11.61
C LEU A 86 6.19 2.24 -11.31
N SER A 87 6.65 2.81 -10.19
CA SER A 87 8.08 2.86 -9.79
C SER A 87 8.50 1.54 -9.11
N GLY A 88 9.54 0.89 -9.64
CA GLY A 88 10.13 -0.28 -8.94
C GLY A 88 10.78 0.11 -7.63
N TRP A 89 11.21 1.38 -7.52
CA TRP A 89 11.84 1.96 -6.30
C TRP A 89 10.82 1.94 -5.17
N GLN A 90 9.64 2.51 -5.44
CA GLN A 90 8.48 2.56 -4.54
C GLN A 90 8.09 1.13 -4.09
N VAL A 91 8.11 0.18 -5.02
CA VAL A 91 7.78 -1.27 -4.77
C VAL A 91 8.84 -1.91 -3.84
N ALA A 92 10.12 -1.72 -4.16
CA ALA A 92 11.23 -2.01 -3.23
C ALA A 92 10.93 -1.50 -1.82
N ALA A 93 10.53 -0.22 -1.71
CA ALA A 93 10.40 0.47 -0.39
C ALA A 93 9.16 0.02 0.38
N ASP A 94 8.02 -0.21 -0.29
CA ASP A 94 6.74 -0.24 0.47
C ASP A 94 5.67 -1.16 -0.13
N ALA A 95 5.94 -1.88 -1.20
CA ALA A 95 4.85 -2.51 -1.95
C ALA A 95 5.32 -3.74 -2.75
N ASN A 96 6.17 -4.60 -2.20
CA ASN A 96 6.69 -5.82 -2.85
C ASN A 96 6.19 -7.05 -2.09
N LEU A 97 6.34 -8.23 -2.67
CA LEU A 97 5.65 -9.48 -2.27
C LEU A 97 6.45 -10.18 -1.16
N SER A 98 7.61 -9.67 -0.77
CA SER A 98 8.34 -10.18 0.42
C SER A 98 7.83 -9.44 1.67
N GLY A 99 7.28 -8.24 1.51
CA GLY A 99 6.78 -7.40 2.61
C GLY A 99 7.91 -6.66 3.33
N HIS A 100 9.15 -6.76 2.83
CA HIS A 100 10.32 -6.04 3.39
C HIS A 100 10.42 -4.63 2.78
N MET A 101 10.94 -3.66 3.53
CA MET A 101 11.49 -2.37 3.02
C MET A 101 12.88 -2.60 2.44
N TYR A 102 13.03 -2.41 1.14
CA TYR A 102 14.33 -2.61 0.43
C TYR A 102 14.73 -1.33 -0.28
N PRO A 103 16.04 -1.08 -0.42
CA PRO A 103 16.56 -0.09 -1.36
C PRO A 103 16.60 -0.56 -2.82
N ASP A 104 16.64 0.37 -3.77
CA ASP A 104 16.40 0.11 -5.21
C ASP A 104 17.55 -0.71 -5.79
N GLN A 105 17.61 -2.03 -5.53
CA GLN A 105 18.74 -2.91 -5.91
C GLN A 105 18.25 -4.32 -6.29
N SER A 106 17.07 -4.47 -6.91
CA SER A 106 16.52 -5.76 -7.38
C SER A 106 16.62 -6.82 -6.29
N LEU A 107 16.20 -6.51 -5.06
CA LEU A 107 16.20 -7.52 -3.96
C LEU A 107 14.81 -8.14 -3.78
N TYR A 108 13.77 -7.50 -4.29
CA TYR A 108 12.38 -7.97 -4.10
C TYR A 108 12.10 -9.13 -5.05
N PRO A 109 11.04 -9.94 -4.80
CA PRO A 109 10.61 -10.99 -5.74
C PRO A 109 10.18 -10.41 -7.10
N ALA A 110 10.64 -11.04 -8.19
CA ALA A 110 10.57 -10.54 -9.58
C ALA A 110 9.12 -10.35 -10.03
N ASN A 111 8.14 -11.01 -9.44
CA ASN A 111 6.73 -10.83 -9.89
C ASN A 111 6.01 -9.70 -9.13
N SER A 112 6.72 -8.87 -8.35
CA SER A 112 6.17 -7.78 -7.49
C SER A 112 5.49 -6.65 -8.29
N VAL A 113 6.12 -6.14 -9.33
CA VAL A 113 5.57 -4.93 -10.01
C VAL A 113 4.33 -5.38 -10.76
N PRO A 114 4.34 -6.56 -11.41
CA PRO A 114 3.15 -7.08 -12.08
C PRO A 114 1.96 -7.16 -11.13
N ALA A 115 2.19 -7.45 -9.85
CA ALA A 115 1.17 -7.58 -8.78
C ALA A 115 0.53 -6.22 -8.52
N VAL A 116 1.36 -5.19 -8.34
CA VAL A 116 0.96 -3.76 -8.22
C VAL A 116 0.26 -3.29 -9.52
N VAL A 117 0.77 -3.60 -10.72
CA VAL A 117 0.04 -3.33 -11.99
C VAL A 117 -1.41 -3.87 -11.89
N LYS A 118 -1.58 -5.15 -11.53
CA LYS A 118 -2.88 -5.85 -11.37
C LYS A 118 -3.73 -5.14 -10.29
N ARG A 119 -3.17 -4.85 -9.12
CA ARG A 119 -3.83 -4.04 -8.07
C ARG A 119 -4.46 -2.75 -8.65
N ILE A 120 -3.62 -1.92 -9.27
CA ILE A 120 -4.00 -0.60 -9.83
C ILE A 120 -5.16 -0.82 -10.79
N ASN A 121 -5.03 -1.78 -11.71
CA ASN A 121 -6.05 -2.07 -12.74
C ASN A 121 -7.35 -2.48 -12.06
N GLN A 122 -7.32 -3.33 -11.03
CA GLN A 122 -8.56 -3.76 -10.32
C GLN A 122 -9.20 -2.56 -9.61
N THR A 123 -8.42 -1.60 -9.12
CA THR A 123 -8.96 -0.38 -8.46
C THR A 123 -9.71 0.50 -9.48
N LEU A 124 -9.08 0.70 -10.63
CA LEU A 124 -9.60 1.49 -11.75
C LEU A 124 -10.90 0.85 -12.26
N GLN A 125 -10.91 -0.48 -12.44
CA GLN A 125 -12.13 -1.27 -12.80
C GLN A 125 -13.27 -1.04 -11.81
N ARG A 126 -12.98 -0.99 -10.50
CA ARG A 126 -14.04 -0.77 -9.48
C ARG A 126 -14.51 0.69 -9.55
N ALA A 127 -13.62 1.65 -9.79
CA ALA A 127 -13.95 3.09 -9.98
C ALA A 127 -14.89 3.23 -11.17
N ASP A 128 -14.60 2.58 -12.29
CA ASP A 128 -15.46 2.66 -13.50
C ASP A 128 -16.84 2.08 -13.14
N GLN A 129 -16.85 0.92 -12.48
CA GLN A 129 -18.08 0.16 -12.17
C GLN A 129 -19.05 1.00 -11.34
N ILE A 130 -18.51 1.78 -10.40
CA ILE A 130 -19.30 2.72 -9.55
C ILE A 130 -19.87 3.85 -10.43
N GLN A 131 -19.10 4.33 -11.41
CA GLN A 131 -19.48 5.43 -12.33
C GLN A 131 -20.56 4.91 -13.30
N HIS A 132 -20.32 3.72 -13.85
CA HIS A 132 -21.21 3.04 -14.82
C HIS A 132 -22.56 2.85 -14.17
N MET A 133 -22.56 2.25 -12.99
CA MET A 133 -23.81 1.86 -12.31
C MET A 133 -24.67 3.11 -12.11
N GLU A 134 -24.06 4.26 -11.85
CA GLU A 134 -24.77 5.51 -11.48
C GLU A 134 -25.00 6.43 -12.69
N GLY A 135 -24.38 6.15 -13.85
CA GLY A 135 -24.49 6.98 -15.07
C GLY A 135 -24.11 8.43 -14.80
N SER A 136 -23.19 8.65 -13.85
CA SER A 136 -22.99 9.90 -13.07
C SER A 136 -21.71 10.65 -13.49
N ASP A 137 -20.87 10.05 -14.33
CA ASP A 137 -19.84 10.83 -15.06
C ASP A 137 -19.28 9.99 -16.20
N ASP A 138 -18.63 10.66 -17.16
CA ASP A 138 -18.04 10.09 -18.40
C ASP A 138 -16.50 9.95 -18.26
N THR A 139 -15.92 9.89 -17.05
CA THR A 139 -14.45 9.73 -16.84
C THR A 139 -13.96 8.37 -17.37
N ASP A 140 -12.88 8.35 -18.15
CA ASP A 140 -12.15 7.11 -18.52
C ASP A 140 -11.11 6.75 -17.45
N TYR A 141 -11.43 5.79 -16.58
CA TYR A 141 -10.56 5.35 -15.44
C TYR A 141 -9.49 4.35 -15.90
N PHE A 142 -9.51 3.90 -17.17
CA PHE A 142 -8.54 2.93 -17.76
C PHE A 142 -7.34 3.63 -18.39
N VAL A 143 -6.57 4.35 -17.58
CA VAL A 143 -5.40 5.14 -18.06
C VAL A 143 -4.15 4.26 -18.08
N PRO A 144 -3.28 4.48 -19.07
CA PRO A 144 -2.14 3.60 -19.26
C PRO A 144 -1.23 3.64 -18.02
N ILE A 145 -0.86 2.43 -17.56
CA ILE A 145 0.18 2.21 -16.51
C ILE A 145 1.49 1.98 -17.25
N VAL A 146 2.55 2.71 -16.87
CA VAL A 146 3.95 2.48 -17.37
C VAL A 146 4.77 1.92 -16.21
N ALA A 147 5.28 0.71 -16.39
CA ALA A 147 5.79 -0.17 -15.33
C ALA A 147 7.31 -0.33 -15.45
N ASP A 148 7.99 -0.39 -14.30
CA ASP A 148 9.44 -0.61 -14.11
C ASP A 148 9.80 -2.11 -14.12
N ALA A 149 10.47 -2.57 -15.16
CA ALA A 149 11.01 -3.96 -15.26
C ALA A 149 12.51 -3.97 -14.88
N GLU A 150 13.02 -2.87 -14.27
CA GLU A 150 14.43 -2.73 -13.85
C GLU A 150 15.32 -3.27 -15.00
N ALA A 151 16.23 -4.19 -14.70
CA ALA A 151 17.12 -4.81 -15.69
C ALA A 151 16.72 -6.26 -15.88
N GLY A 152 15.51 -6.61 -15.46
CA GLY A 152 14.83 -7.85 -15.88
C GLY A 152 14.92 -8.98 -14.85
N PHE A 153 15.68 -8.78 -13.78
CA PHE A 153 15.97 -9.78 -12.72
C PHE A 153 16.64 -11.02 -13.32
N GLY A 154 17.78 -10.82 -13.98
CA GLY A 154 18.54 -11.93 -14.57
C GLY A 154 18.82 -11.68 -16.03
N GLY A 155 18.85 -12.74 -16.84
CA GLY A 155 19.19 -12.66 -18.27
C GLY A 155 17.97 -12.52 -19.15
N GLN A 156 18.15 -12.87 -20.41
CA GLN A 156 17.23 -12.71 -21.55
C GLN A 156 15.92 -13.48 -21.29
N LEU A 157 15.97 -14.64 -20.60
CA LEU A 157 14.73 -15.42 -20.28
C LEU A 157 13.95 -14.77 -19.10
N ASN A 158 14.62 -14.25 -18.08
CA ASN A 158 13.90 -13.60 -16.95
C ASN A 158 13.16 -12.36 -17.49
N VAL A 159 13.79 -11.66 -18.45
CA VAL A 159 13.23 -10.46 -19.14
C VAL A 159 11.95 -10.89 -19.87
N PHE A 160 12.04 -11.94 -20.68
CA PHE A 160 10.92 -12.56 -21.43
C PHE A 160 9.72 -12.79 -20.49
N GLU A 161 9.94 -13.55 -19.42
CA GLU A 161 8.93 -13.87 -18.39
C GLU A 161 8.35 -12.60 -17.75
N LEU A 162 9.21 -11.65 -17.37
CA LEU A 162 8.80 -10.41 -16.66
C LEU A 162 7.91 -9.59 -17.58
N MET A 163 8.32 -9.45 -18.85
CA MET A 163 7.56 -8.71 -19.89
C MET A 163 6.18 -9.35 -20.07
N LYS A 164 6.07 -10.70 -20.08
CA LYS A 164 4.77 -11.43 -20.13
C LYS A 164 3.96 -11.12 -18.87
N GLY A 165 4.57 -11.13 -17.69
CA GLY A 165 3.83 -10.84 -16.46
C GLY A 165 3.21 -9.45 -16.53
N MET A 166 3.96 -8.45 -16.99
CA MET A 166 3.50 -7.04 -17.05
C MET A 166 2.21 -6.95 -17.89
N ILE A 167 2.13 -7.75 -18.93
CA ILE A 167 1.07 -7.66 -19.97
C ILE A 167 -0.18 -8.38 -19.45
N GLU A 168 -0.01 -9.53 -18.79
CA GLU A 168 -1.12 -10.33 -18.22
C GLU A 168 -1.81 -9.45 -17.18
N ALA A 169 -1.04 -8.64 -16.47
CA ALA A 169 -1.53 -7.77 -15.38
C ALA A 169 -2.16 -6.49 -15.97
N GLY A 170 -1.94 -6.19 -17.27
CA GLY A 170 -2.58 -5.06 -17.98
C GLY A 170 -1.73 -3.79 -17.99
N ALA A 171 -0.41 -3.91 -18.04
CA ALA A 171 0.49 -2.76 -18.26
C ALA A 171 0.39 -2.35 -19.74
N SER A 172 0.48 -1.04 -20.01
CA SER A 172 0.43 -0.45 -21.36
C SER A 172 1.85 -0.20 -21.86
N GLY A 173 2.79 0.04 -20.94
CA GLY A 173 4.20 0.37 -21.27
C GLY A 173 5.14 -0.28 -20.28
N VAL A 174 6.35 -0.61 -20.70
CA VAL A 174 7.35 -1.25 -19.80
C VAL A 174 8.70 -0.66 -20.12
N HIS A 175 9.54 -0.39 -19.12
CA HIS A 175 10.92 0.13 -19.31
C HIS A 175 11.93 -0.88 -18.75
N PHE A 176 13.01 -1.09 -19.50
CA PHE A 176 14.19 -1.94 -19.17
C PHE A 176 15.43 -1.04 -19.20
N GLU A 177 16.38 -1.28 -18.32
CA GLU A 177 17.58 -0.41 -18.18
C GLU A 177 18.81 -1.28 -18.42
N ASP A 178 19.91 -0.69 -18.86
CA ASP A 178 21.14 -1.39 -19.30
C ASP A 178 22.10 -1.68 -18.12
N GLN A 179 21.63 -1.77 -16.88
CA GLN A 179 22.47 -2.18 -15.72
C GLN A 179 22.58 -3.71 -15.62
N LEU A 180 23.66 -4.22 -15.02
CA LEU A 180 23.77 -5.62 -14.52
C LEU A 180 22.80 -5.78 -13.32
N SER A 181 21.91 -6.76 -13.43
CA SER A 181 20.80 -7.10 -12.49
C SER A 181 21.34 -7.38 -11.07
N SER A 182 22.44 -8.14 -10.97
CA SER A 182 23.03 -8.57 -9.67
C SER A 182 23.62 -7.35 -8.94
N GLU A 183 23.84 -6.27 -9.68
CA GLU A 183 24.42 -5.00 -9.16
C GLU A 183 23.45 -3.84 -9.44
N LYS A 184 22.19 -4.12 -9.78
CA LYS A 184 21.26 -3.04 -10.17
C LYS A 184 21.28 -1.97 -9.07
N LYS A 185 21.12 -0.70 -9.42
CA LYS A 185 20.92 0.44 -8.48
C LYS A 185 19.84 1.38 -9.02
N CYS A 186 19.24 2.15 -8.11
CA CYS A 186 18.61 3.47 -8.44
C CYS A 186 19.54 4.23 -9.39
N GLY A 187 18.97 4.99 -10.34
CA GLY A 187 19.75 5.82 -11.28
C GLY A 187 20.66 6.83 -10.57
N HIS A 188 20.25 7.33 -9.39
CA HIS A 188 20.95 8.46 -8.73
C HIS A 188 21.86 7.97 -7.58
N LEU A 189 22.18 6.68 -7.48
CA LEU A 189 23.22 6.14 -6.54
C LEU A 189 24.53 5.87 -7.31
N GLY A 190 25.65 5.72 -6.60
CA GLY A 190 26.93 5.26 -7.16
C GLY A 190 26.94 3.75 -7.44
N GLY A 191 28.01 3.26 -8.08
CA GLY A 191 28.32 1.82 -8.21
C GLY A 191 27.43 1.12 -9.22
N LYS A 192 26.90 1.90 -10.17
CA LYS A 192 26.20 1.39 -11.36
C LYS A 192 27.21 0.69 -12.28
N VAL A 193 26.80 -0.45 -12.82
CA VAL A 193 27.62 -1.30 -13.71
C VAL A 193 26.78 -1.49 -14.97
N LEU A 194 27.31 -1.03 -16.11
CA LEU A 194 26.59 -1.13 -17.38
C LEU A 194 26.69 -2.58 -17.86
N LEU A 195 25.68 -3.06 -18.61
CA LEU A 195 25.75 -4.29 -19.45
C LEU A 195 26.45 -3.94 -20.75
N PRO A 196 27.17 -4.86 -21.41
CA PRO A 196 27.68 -4.58 -22.74
C PRO A 196 26.48 -4.23 -23.59
N THR A 197 26.67 -3.41 -24.63
CA THR A 197 25.59 -2.81 -25.46
C THR A 197 24.79 -3.96 -26.10
N GLN A 198 25.53 -4.89 -26.74
CA GLN A 198 24.97 -6.09 -27.43
C GLN A 198 24.02 -6.74 -26.42
N THR A 199 24.45 -6.87 -25.14
CA THR A 199 23.62 -7.50 -24.07
C THR A 199 22.36 -6.65 -23.81
N ALA A 200 22.48 -5.32 -23.74
CA ALA A 200 21.32 -4.44 -23.50
C ALA A 200 20.32 -4.60 -24.65
N VAL A 201 20.84 -4.71 -25.87
CA VAL A 201 20.02 -4.92 -27.10
C VAL A 201 19.30 -6.27 -27.04
N ARG A 202 19.98 -7.34 -26.62
CA ARG A 202 19.33 -8.65 -26.45
C ARG A 202 18.09 -8.51 -25.54
N ASN A 203 18.20 -7.82 -24.42
CA ASN A 203 17.06 -7.68 -23.46
C ASN A 203 15.86 -6.98 -24.09
N LEU A 204 16.08 -5.89 -24.84
CA LEU A 204 14.97 -5.17 -25.53
C LEU A 204 14.38 -6.08 -26.61
N ILE A 205 15.21 -6.91 -27.24
CA ILE A 205 14.73 -7.88 -28.28
C ILE A 205 13.83 -8.91 -27.59
N SER A 206 14.27 -9.46 -26.45
CA SER A 206 13.49 -10.45 -25.69
C SER A 206 12.18 -9.81 -25.25
N ALA A 207 12.22 -8.53 -24.88
CA ALA A 207 11.03 -7.78 -24.43
C ALA A 207 10.00 -7.69 -25.57
N ARG A 208 10.47 -7.49 -26.81
CA ARG A 208 9.57 -7.34 -27.98
C ARG A 208 9.03 -8.71 -28.39
N LEU A 209 9.85 -9.76 -28.26
CA LEU A 209 9.42 -11.16 -28.55
C LEU A 209 8.23 -11.54 -27.66
N ALA A 210 8.33 -11.24 -26.37
CA ALA A 210 7.30 -11.51 -25.34
C ALA A 210 6.02 -10.78 -25.69
N ALA A 211 6.07 -9.48 -26.00
CA ALA A 211 4.86 -8.72 -26.36
C ALA A 211 4.31 -9.28 -27.68
N ASP A 212 5.16 -9.60 -28.67
CA ASP A 212 4.67 -10.18 -29.95
C ASP A 212 4.00 -11.53 -29.64
N VAL A 213 4.70 -12.40 -28.94
CA VAL A 213 4.12 -13.70 -28.47
C VAL A 213 2.80 -13.48 -27.72
N MET A 214 2.72 -12.48 -26.83
CA MET A 214 1.45 -12.17 -26.09
C MET A 214 0.43 -11.48 -27.01
N GLY A 215 0.81 -11.19 -28.27
CA GLY A 215 0.02 -10.51 -29.30
C GLY A 215 -0.48 -9.15 -28.88
N VAL A 216 0.33 -8.40 -28.16
CA VAL A 216 -0.10 -7.07 -27.67
C VAL A 216 0.99 -6.07 -28.06
N PRO A 217 0.59 -4.88 -28.57
CA PRO A 217 1.51 -3.82 -28.97
C PRO A 217 1.94 -2.96 -27.79
N THR A 218 2.39 -3.60 -26.71
CA THR A 218 2.91 -2.94 -25.49
C THR A 218 4.03 -1.97 -25.86
N ILE A 219 4.04 -0.78 -25.28
CA ILE A 219 5.11 0.24 -25.49
C ILE A 219 6.37 -0.20 -24.71
N ILE A 220 7.53 -0.15 -25.35
CA ILE A 220 8.81 -0.45 -24.67
C ILE A 220 9.63 0.83 -24.64
N VAL A 221 10.12 1.17 -23.45
CA VAL A 221 11.02 2.33 -23.17
C VAL A 221 12.38 1.74 -22.84
N ALA A 222 13.35 1.93 -23.73
CA ALA A 222 14.78 1.62 -23.49
C ALA A 222 15.40 2.73 -22.63
N ARG A 223 15.87 2.37 -21.44
CA ARG A 223 16.48 3.35 -20.50
C ARG A 223 17.99 3.09 -20.46
N THR A 224 18.80 4.14 -20.42
CA THR A 224 20.26 4.01 -20.25
C THR A 224 20.70 4.72 -18.97
N ASP A 225 21.63 4.10 -18.27
CA ASP A 225 22.16 4.57 -16.97
C ASP A 225 23.60 5.08 -17.17
N ALA A 226 23.98 5.39 -18.40
CA ALA A 226 25.40 5.47 -18.82
C ALA A 226 25.91 6.90 -18.65
N ASP A 227 25.05 7.85 -18.26
CA ASP A 227 25.43 9.23 -17.85
C ASP A 227 26.30 9.20 -16.57
N ALA A 228 25.98 8.36 -15.58
CA ALA A 228 26.68 8.37 -14.28
C ALA A 228 27.44 7.06 -14.07
N ALA A 229 27.05 5.97 -14.75
CA ALA A 229 27.59 4.61 -14.57
C ALA A 229 28.97 4.50 -15.23
N ASP A 230 30.01 4.33 -14.41
CA ASP A 230 31.44 4.37 -14.80
C ASP A 230 32.05 2.99 -14.58
N LEU A 231 31.27 1.93 -14.82
CA LEU A 231 31.72 0.53 -14.87
C LEU A 231 30.92 -0.20 -15.93
N ILE A 232 31.56 -1.17 -16.58
CA ILE A 232 30.90 -2.13 -17.50
C ILE A 232 31.41 -3.55 -17.15
N THR A 233 30.54 -4.55 -17.29
CA THR A 233 30.83 -5.96 -16.92
C THR A 233 31.94 -6.49 -17.82
N SER A 234 32.15 -5.89 -18.98
CA SER A 234 33.01 -6.53 -20.00
C SER A 234 33.27 -5.60 -21.18
N ASP A 235 34.34 -5.94 -21.88
CA ASP A 235 34.97 -5.22 -23.01
C ASP A 235 34.64 -6.00 -24.30
N ILE A 236 33.71 -6.98 -24.21
CA ILE A 236 33.33 -7.88 -25.35
C ILE A 236 32.77 -7.09 -26.54
N ASP A 237 32.12 -5.94 -26.34
CA ASP A 237 31.41 -5.28 -27.46
C ASP A 237 32.30 -4.20 -28.00
N PRO A 238 32.69 -4.28 -29.29
CA PRO A 238 33.49 -3.26 -29.96
C PRO A 238 32.96 -1.83 -29.72
N VAL A 239 31.64 -1.64 -29.67
CA VAL A 239 31.03 -0.28 -29.55
C VAL A 239 31.45 0.32 -28.22
N ASP A 240 31.68 -0.49 -27.19
CA ASP A 240 31.94 0.02 -25.82
C ASP A 240 33.43 0.33 -25.63
N LYS A 241 34.34 -0.17 -26.49
CA LYS A 241 35.80 0.05 -26.35
C LYS A 241 36.14 1.56 -26.37
N ALA A 242 35.35 2.41 -27.05
CA ALA A 242 35.56 3.89 -27.12
C ALA A 242 35.55 4.49 -25.72
N PHE A 243 34.85 3.88 -24.77
CA PHE A 243 34.64 4.48 -23.43
C PHE A 243 35.40 3.72 -22.36
N ILE A 244 36.09 2.60 -22.67
CA ILE A 244 36.73 1.72 -21.65
C ILE A 244 38.17 2.22 -21.42
N THR A 245 38.58 2.47 -20.16
CA THR A 245 39.86 3.14 -19.80
C THR A 245 41.00 2.13 -19.74
N GLY A 246 40.67 0.86 -19.52
CA GLY A 246 41.66 -0.22 -19.31
C GLY A 246 41.73 -0.62 -17.85
N GLU A 247 41.33 0.26 -16.93
CA GLU A 247 41.43 -0.03 -15.48
C GLU A 247 40.35 -1.07 -15.14
N ARG A 248 40.72 -2.11 -14.38
CA ARG A 248 39.78 -3.16 -13.92
C ARG A 248 39.60 -3.04 -12.42
N THR A 249 38.47 -3.51 -11.91
CA THR A 249 38.19 -3.46 -10.46
C THR A 249 38.57 -4.82 -9.89
N PRO A 250 38.70 -4.92 -8.56
CA PRO A 250 38.84 -6.22 -7.92
C PRO A 250 37.86 -7.27 -8.48
N GLU A 251 36.60 -6.89 -8.68
CA GLU A 251 35.55 -7.84 -9.12
C GLU A 251 35.79 -8.21 -10.58
N GLY A 252 36.54 -7.41 -11.34
CA GLY A 252 36.76 -7.68 -12.77
C GLY A 252 35.98 -6.75 -13.66
N PHE A 253 35.16 -5.86 -13.11
CA PHE A 253 34.44 -4.84 -13.90
C PHE A 253 35.50 -3.95 -14.55
N TYR A 254 35.13 -3.26 -15.63
CA TYR A 254 35.98 -2.28 -16.34
C TYR A 254 35.51 -0.85 -16.10
N ARG A 255 36.44 0.05 -15.83
CA ARG A 255 36.20 1.53 -15.80
C ARG A 255 35.78 2.04 -17.17
N THR A 256 34.78 2.92 -17.22
CA THR A 256 34.37 3.59 -18.48
C THR A 256 34.36 5.10 -18.20
N ASN A 257 34.38 5.92 -19.25
CA ASN A 257 34.28 7.39 -19.13
C ASN A 257 32.79 7.71 -19.17
N ALA A 258 32.24 7.88 -17.97
CA ALA A 258 30.82 8.13 -17.72
C ALA A 258 30.51 9.54 -18.21
N GLY A 259 29.35 9.73 -18.83
CA GLY A 259 28.96 11.04 -19.35
C GLY A 259 27.81 10.98 -20.33
N LEU A 260 27.52 12.11 -20.97
CA LEU A 260 26.41 12.25 -21.93
C LEU A 260 26.77 11.48 -23.19
N ASP A 261 28.05 11.42 -23.53
CA ASP A 261 28.50 10.71 -24.74
C ASP A 261 28.23 9.21 -24.59
N GLN A 262 28.42 8.62 -23.40
CA GLN A 262 28.28 7.14 -23.22
C GLN A 262 26.78 6.83 -23.29
N ALA A 263 25.97 7.79 -22.86
CA ALA A 263 24.50 7.75 -22.93
C ALA A 263 24.03 7.89 -24.39
N ILE A 264 24.54 8.86 -25.13
CA ILE A 264 24.21 9.05 -26.57
C ILE A 264 24.55 7.76 -27.32
N ALA A 265 25.74 7.20 -27.10
CA ALA A 265 26.14 5.88 -27.68
C ALA A 265 25.04 4.84 -27.42
N ARG A 266 24.63 4.64 -26.17
CA ARG A 266 23.58 3.66 -25.75
C ARG A 266 22.20 4.01 -26.35
N GLY A 267 21.82 5.28 -26.34
CA GLY A 267 20.49 5.72 -26.80
C GLY A 267 20.26 5.36 -28.25
N LEU A 268 21.29 5.54 -29.05
CA LEU A 268 21.28 5.23 -30.51
C LEU A 268 21.38 3.73 -30.75
N ALA A 269 22.09 2.98 -29.93
CA ALA A 269 22.07 1.50 -30.01
C ALA A 269 20.63 1.01 -29.77
N TYR A 270 19.89 1.64 -28.83
CA TYR A 270 18.61 1.07 -28.34
C TYR A 270 17.41 1.57 -29.18
N ALA A 271 17.51 2.75 -29.80
CA ALA A 271 16.36 3.43 -30.45
C ALA A 271 15.67 2.53 -31.47
N PRO A 272 16.40 1.71 -32.27
CA PRO A 272 15.74 0.77 -33.18
C PRO A 272 14.85 -0.30 -32.52
N TYR A 273 15.02 -0.58 -31.21
CA TYR A 273 14.47 -1.77 -30.49
C TYR A 273 13.49 -1.35 -29.37
N ALA A 274 13.04 -0.08 -29.39
CA ALA A 274 12.22 0.53 -28.32
C ALA A 274 11.32 1.63 -28.91
N ASP A 275 10.24 1.97 -28.21
CA ASP A 275 9.23 2.95 -28.73
C ASP A 275 9.51 4.32 -28.15
N LEU A 276 10.10 4.36 -26.96
CA LEU A 276 10.68 5.60 -26.41
C LEU A 276 12.08 5.26 -25.92
N VAL A 277 12.91 6.29 -25.81
CA VAL A 277 14.27 6.21 -25.22
C VAL A 277 14.35 7.17 -24.02
N TRP A 278 14.96 6.75 -22.90
CA TRP A 278 15.10 7.52 -21.64
C TRP A 278 16.58 7.56 -21.19
N CYS A 279 17.15 8.76 -21.10
CA CYS A 279 18.50 8.99 -20.52
C CYS A 279 18.36 9.42 -19.05
N GLU A 280 18.77 8.58 -18.10
CA GLU A 280 18.85 8.97 -16.66
C GLU A 280 19.91 10.07 -16.53
N THR A 281 19.67 11.08 -15.70
CA THR A 281 20.54 12.28 -15.54
C THR A 281 20.66 12.62 -14.06
N SER A 282 21.72 13.33 -13.67
CA SER A 282 22.07 13.60 -12.26
C SER A 282 21.53 14.98 -11.84
N GLU A 283 21.12 15.79 -12.82
CA GLU A 283 20.50 17.11 -12.57
C GLU A 283 19.54 17.42 -13.72
N PRO A 284 18.49 18.23 -13.47
CA PRO A 284 17.61 18.73 -14.52
C PRO A 284 18.28 19.78 -15.44
N ASN A 285 19.14 19.32 -16.33
CA ASN A 285 19.94 20.16 -17.26
C ASN A 285 19.30 20.21 -18.66
N LEU A 286 18.83 21.41 -19.07
CA LEU A 286 18.11 21.63 -20.36
C LEU A 286 19.02 21.36 -21.57
N GLU A 287 20.30 21.69 -21.46
CA GLU A 287 21.29 21.57 -22.56
C GLU A 287 21.71 20.12 -22.75
N ASP A 288 21.77 19.33 -21.68
CA ASP A 288 21.99 17.86 -21.83
C ASP A 288 20.76 17.28 -22.52
N ALA A 289 19.56 17.68 -22.09
CA ALA A 289 18.31 17.10 -22.63
C ALA A 289 18.21 17.44 -24.13
N LYS A 290 18.57 18.67 -24.50
CA LYS A 290 18.55 19.15 -25.91
C LYS A 290 19.59 18.36 -26.72
N ARG A 291 20.82 18.25 -26.20
CA ARG A 291 21.92 17.54 -26.92
C ARG A 291 21.50 16.08 -27.07
N PHE A 292 21.09 15.41 -26.00
CA PHE A 292 20.68 13.99 -26.08
C PHE A 292 19.57 13.86 -27.13
N ALA A 293 18.55 14.73 -27.11
CA ALA A 293 17.43 14.71 -28.11
C ALA A 293 17.99 14.94 -29.53
N ASP A 294 18.75 16.01 -29.73
CA ASP A 294 19.39 16.30 -31.05
C ASP A 294 20.18 15.06 -31.50
N ALA A 295 21.00 14.42 -30.66
CA ALA A 295 21.81 13.25 -31.08
C ALA A 295 20.87 12.10 -31.55
N ILE A 296 19.73 11.88 -30.87
CA ILE A 296 18.77 10.78 -31.19
C ILE A 296 18.02 11.14 -32.49
N HIS A 297 17.67 12.41 -32.71
CA HIS A 297 16.77 12.86 -33.81
C HIS A 297 17.53 12.94 -35.12
N LYS A 298 18.85 13.08 -35.08
CA LYS A 298 19.72 13.00 -36.28
C LYS A 298 19.52 11.63 -36.98
N GLU A 299 19.32 10.53 -36.24
CA GLU A 299 19.22 9.16 -36.81
C GLU A 299 17.77 8.65 -36.83
N HIS A 300 16.94 9.06 -35.86
CA HIS A 300 15.50 8.71 -35.74
C HIS A 300 14.65 9.96 -35.52
N PRO A 301 14.49 10.82 -36.54
CA PRO A 301 13.70 12.05 -36.40
C PRO A 301 12.29 11.79 -35.88
N GLY A 302 11.85 12.54 -34.86
CA GLY A 302 10.53 12.36 -34.22
C GLY A 302 10.53 11.32 -33.12
N LYS A 303 11.57 10.49 -32.97
CA LYS A 303 11.61 9.49 -31.88
C LYS A 303 11.07 10.12 -30.57
N LEU A 304 10.09 9.46 -29.94
CA LEU A 304 9.48 9.79 -28.62
C LEU A 304 10.56 9.58 -27.54
N LEU A 305 10.67 10.52 -26.61
CA LEU A 305 11.70 10.47 -25.57
C LEU A 305 11.01 10.58 -24.23
N ALA A 306 11.69 10.13 -23.22
CA ALA A 306 11.10 9.96 -21.88
C ALA A 306 12.07 10.64 -20.93
N TYR A 307 11.55 11.43 -20.00
CA TYR A 307 12.32 12.20 -19.00
C TYR A 307 11.78 11.91 -17.60
N ASN A 308 12.72 11.50 -16.74
CA ASN A 308 12.51 11.29 -15.30
C ASN A 308 12.77 12.59 -14.56
N CYS A 309 11.71 13.31 -14.22
CA CYS A 309 11.77 14.55 -13.40
C CYS A 309 11.95 14.12 -11.93
N SER A 310 13.16 13.73 -11.53
CA SER A 310 13.38 12.93 -10.30
C SER A 310 13.29 13.78 -9.03
N PRO A 311 12.68 13.24 -7.96
CA PRO A 311 12.79 13.81 -6.62
C PRO A 311 14.19 13.77 -5.96
N SER A 312 15.14 13.10 -6.60
CA SER A 312 16.57 13.04 -6.16
C SER A 312 17.25 14.38 -6.51
N PHE A 313 16.57 15.23 -7.29
CA PHE A 313 17.03 16.59 -7.65
C PHE A 313 16.36 17.64 -6.75
N ASN A 314 17.10 18.68 -6.38
CA ASN A 314 16.58 19.84 -5.62
C ASN A 314 15.90 20.81 -6.59
N TRP A 315 14.63 20.59 -6.89
CA TRP A 315 13.81 21.55 -7.67
C TRP A 315 13.90 22.93 -7.00
N LYS A 316 15.08 23.57 -7.15
CA LYS A 316 15.40 25.01 -6.93
C LYS A 316 16.02 25.58 -8.22
N GLN A 317 15.76 24.95 -9.38
CA GLN A 317 16.16 25.49 -10.69
C GLN A 317 15.09 26.51 -11.08
N LYS A 318 15.26 27.77 -10.67
CA LYS A 318 14.36 28.88 -11.05
C LYS A 318 15.15 29.84 -11.97
N LEU A 319 15.20 29.48 -13.27
CA LEU A 319 15.63 30.31 -14.42
C LEU A 319 14.42 30.57 -15.33
N ALA A 325 6.42 25.76 -12.79
CA ALA A 325 7.66 26.26 -13.43
C ALA A 325 7.37 26.59 -14.90
N SER A 326 7.88 25.74 -15.81
CA SER A 326 7.84 25.80 -17.29
C SER A 326 8.77 24.71 -17.83
N PHE A 327 9.32 23.86 -16.98
CA PHE A 327 10.30 22.82 -17.37
C PHE A 327 9.70 21.76 -18.28
N GLN A 328 8.54 21.22 -17.94
CA GLN A 328 7.91 20.14 -18.73
C GLN A 328 7.64 20.60 -20.16
N LYS A 329 7.10 21.80 -20.33
CA LYS A 329 6.80 22.40 -21.67
C LYS A 329 8.11 22.53 -22.45
N GLU A 330 9.16 23.02 -21.79
CA GLU A 330 10.46 23.29 -22.42
C GLU A 330 11.02 21.96 -22.93
N ILE A 331 11.20 20.95 -22.08
CA ILE A 331 11.78 19.67 -22.57
C ILE A 331 10.78 18.93 -23.48
N ALA A 332 9.47 19.13 -23.34
CA ALA A 332 8.51 18.49 -24.27
C ALA A 332 8.78 19.02 -25.68
N SER A 333 9.23 20.27 -25.76
CA SER A 333 9.56 20.90 -27.05
C SER A 333 10.80 20.22 -27.64
N TYR A 334 11.57 19.44 -26.86
CA TYR A 334 12.80 18.75 -27.36
C TYR A 334 12.48 17.32 -27.82
N GLY A 335 11.27 16.80 -27.57
CA GLY A 335 10.86 15.43 -27.92
C GLY A 335 10.48 14.59 -26.70
N TYR A 336 10.65 15.11 -25.48
CA TYR A 336 10.34 14.41 -24.21
C TYR A 336 8.82 14.44 -23.95
N LYS A 337 8.10 13.46 -24.52
CA LYS A 337 6.61 13.42 -24.50
C LYS A 337 6.11 12.70 -23.27
N PHE A 338 6.90 11.77 -22.72
CA PHE A 338 6.52 11.01 -21.51
C PHE A 338 7.41 11.48 -20.39
N GLN A 339 6.82 12.14 -19.40
CA GLN A 339 7.54 12.76 -18.26
C GLN A 339 6.83 12.27 -17.02
N PHE A 340 7.58 11.93 -15.99
CA PHE A 340 7.05 11.24 -14.79
C PHE A 340 7.92 11.62 -13.61
N VAL A 341 7.34 11.76 -12.41
CA VAL A 341 8.09 12.00 -11.15
C VAL A 341 8.12 10.68 -10.38
N THR A 342 9.23 9.93 -10.49
CA THR A 342 9.31 8.49 -10.15
C THR A 342 8.72 8.23 -8.77
N LEU A 343 9.20 8.97 -7.75
CA LEU A 343 8.96 8.65 -6.33
C LEU A 343 7.88 9.54 -5.71
N ALA A 344 7.05 10.19 -6.51
CA ALA A 344 5.92 11.04 -6.01
C ALA A 344 5.07 10.30 -4.96
N GLY A 345 4.76 9.03 -5.19
CA GLY A 345 3.85 8.24 -4.33
C GLY A 345 4.42 8.07 -2.94
N PHE A 346 5.73 7.84 -2.87
CA PHE A 346 6.44 7.57 -1.60
C PHE A 346 6.49 8.87 -0.79
N HIS A 347 6.89 9.99 -1.41
CA HIS A 347 6.96 11.33 -0.76
C HIS A 347 5.53 11.77 -0.33
N SER A 348 4.55 11.70 -1.22
CA SER A 348 3.12 11.96 -0.88
C SER A 348 2.69 11.13 0.35
N LEU A 349 2.77 9.79 0.29
CA LEU A 349 2.36 8.90 1.42
C LEU A 349 3.19 9.24 2.67
N ASN A 350 4.51 9.30 2.54
CA ASN A 350 5.39 9.40 3.71
C ASN A 350 5.19 10.78 4.38
N TYR A 351 5.35 11.87 3.64
CA TYR A 351 5.20 13.25 4.18
C TYR A 351 3.79 13.42 4.78
N GLY A 352 2.80 12.81 4.13
CA GLY A 352 1.37 13.00 4.46
C GLY A 352 1.03 12.45 5.83
N MET A 353 1.39 11.20 6.09
CA MET A 353 1.16 10.58 7.39
C MET A 353 2.03 11.27 8.45
N PHE A 354 3.29 11.59 8.16
CA PHE A 354 4.13 12.26 9.19
C PHE A 354 3.51 13.60 9.59
N GLU A 355 2.97 14.35 8.66
CA GLU A 355 2.43 15.69 9.00
C GLU A 355 1.21 15.46 9.89
N LEU A 356 0.37 14.49 9.51
CA LEU A 356 -0.89 14.21 10.23
C LEU A 356 -0.56 13.66 11.62
N ALA A 357 0.31 12.66 11.68
CA ALA A 357 0.70 12.04 12.96
C ALA A 357 1.23 13.13 13.92
N ARG A 358 2.03 14.09 13.42
CA ARG A 358 2.65 15.13 14.31
C ARG A 358 1.56 16.09 14.78
N GLY A 359 0.77 16.61 13.84
CA GLY A 359 -0.53 17.22 14.11
C GLY A 359 -1.28 16.51 15.25
N TYR A 360 -1.43 15.18 15.16
CA TYR A 360 -2.30 14.34 16.03
C TYR A 360 -1.70 14.25 17.44
N LYS A 361 -0.41 13.94 17.55
CA LYS A 361 0.34 13.95 18.84
C LYS A 361 0.12 15.32 19.51
N GLU A 362 0.00 16.39 18.75
CA GLU A 362 0.07 17.76 19.32
C GLU A 362 -1.35 18.26 19.60
N ARG A 363 -2.30 18.02 18.70
CA ARG A 363 -3.63 18.68 18.81
C ARG A 363 -4.77 17.66 18.66
N GLY A 364 -4.44 16.36 18.74
CA GLY A 364 -5.46 15.28 18.82
C GLY A 364 -6.42 15.29 17.66
N MET A 365 -7.73 15.15 17.94
CA MET A 365 -8.79 15.13 16.89
C MET A 365 -8.93 16.49 16.17
N ALA A 366 -8.24 17.56 16.58
CA ALA A 366 -8.30 18.89 15.92
C ALA A 366 -7.50 18.83 14.64
N ALA A 367 -6.38 18.08 14.69
CA ALA A 367 -5.49 17.84 13.52
C ALA A 367 -6.28 17.00 12.52
N TYR A 368 -7.08 16.02 12.98
CA TYR A 368 -7.89 15.18 12.05
C TYR A 368 -8.93 16.06 11.38
N SER A 369 -9.61 16.91 12.14
CA SER A 369 -10.69 17.80 11.63
C SER A 369 -10.18 18.65 10.48
N GLU A 370 -8.96 19.19 10.60
CA GLU A 370 -8.33 20.02 9.55
C GLU A 370 -8.26 19.25 8.22
N LEU A 371 -7.94 17.94 8.26
CA LEU A 371 -7.77 17.11 7.04
C LEU A 371 -9.16 16.89 6.43
N GLN A 372 -10.09 16.43 7.24
CA GLN A 372 -11.51 16.30 6.83
C GLN A 372 -11.90 17.58 6.09
N GLN A 373 -11.67 18.74 6.73
CA GLN A 373 -12.18 20.04 6.22
C GLN A 373 -11.39 20.40 4.96
N ALA A 374 -10.09 20.07 4.84
CA ALA A 374 -9.35 20.18 3.55
C ALA A 374 -9.95 19.24 2.48
N GLU A 375 -10.47 18.07 2.88
CA GLU A 375 -11.05 17.09 1.94
C GLU A 375 -12.36 17.64 1.37
N PHE A 376 -13.22 18.20 2.21
CA PHE A 376 -14.48 18.88 1.79
C PHE A 376 -14.17 20.01 0.80
N ALA A 377 -13.15 20.81 1.09
CA ALA A 377 -12.70 21.92 0.21
C ALA A 377 -12.28 21.40 -1.18
N ALA A 378 -11.82 20.14 -1.31
CA ALA A 378 -11.27 19.62 -2.58
C ALA A 378 -12.42 19.10 -3.45
N GLU A 379 -13.61 18.98 -2.88
CA GLU A 379 -14.79 18.38 -3.57
C GLU A 379 -15.12 19.21 -4.83
N LYS A 380 -15.08 20.55 -4.74
CA LYS A 380 -15.37 21.47 -5.88
C LYS A 380 -14.37 21.21 -7.02
N HIS A 381 -13.18 20.71 -6.69
CA HIS A 381 -12.17 20.28 -7.69
C HIS A 381 -12.48 18.87 -8.22
N GLY A 382 -13.37 18.12 -7.57
CA GLY A 382 -13.85 16.80 -8.03
C GLY A 382 -13.26 15.66 -7.22
N TYR A 383 -13.01 15.88 -5.93
CA TYR A 383 -12.46 14.92 -4.96
C TYR A 383 -13.63 14.32 -4.16
N SER A 384 -13.73 13.00 -4.10
CA SER A 384 -14.94 12.28 -3.65
C SER A 384 -14.65 11.36 -2.47
N ALA A 385 -13.38 11.14 -2.11
CA ALA A 385 -12.91 10.10 -1.15
C ALA A 385 -13.30 10.47 0.29
N THR A 386 -13.76 11.70 0.50
CA THR A 386 -14.26 12.16 1.82
C THR A 386 -15.58 11.40 2.07
N ARG A 387 -16.29 11.03 1.00
CA ARG A 387 -17.46 10.10 1.03
C ARG A 387 -16.92 8.68 0.76
N HIS A 388 -16.26 8.06 1.75
CA HIS A 388 -15.35 6.90 1.57
C HIS A 388 -16.12 5.59 1.38
N GLN A 389 -17.32 5.46 1.92
CA GLN A 389 -18.10 4.21 1.72
C GLN A 389 -18.43 4.13 0.22
N ARG A 390 -18.81 5.25 -0.40
CA ARG A 390 -19.13 5.26 -1.85
C ARG A 390 -17.83 5.00 -2.66
N GLU A 391 -16.68 5.46 -2.20
CA GLU A 391 -15.41 5.57 -2.97
C GLU A 391 -14.86 4.16 -3.29
N VAL A 392 -15.01 3.23 -2.32
CA VAL A 392 -14.54 1.82 -2.35
C VAL A 392 -15.68 0.89 -2.78
N GLY A 393 -16.84 1.45 -3.15
CA GLY A 393 -17.90 0.73 -3.89
C GLY A 393 -18.89 0.05 -2.99
N THR A 394 -19.15 0.58 -1.79
CA THR A 394 -20.28 0.11 -0.94
C THR A 394 -21.59 0.19 -1.76
N GLY A 395 -21.81 1.24 -2.58
CA GLY A 395 -23.05 1.37 -3.38
C GLY A 395 -23.13 0.28 -4.44
N TYR A 396 -21.98 -0.16 -4.90
CA TYR A 396 -21.88 -1.15 -6.00
C TYR A 396 -22.27 -2.53 -5.47
N PHE A 397 -21.86 -2.85 -4.24
CA PHE A 397 -22.11 -4.17 -3.60
C PHE A 397 -23.53 -4.21 -3.02
N ASP A 398 -24.12 -3.06 -2.66
CA ASP A 398 -25.57 -2.97 -2.37
C ASP A 398 -26.35 -3.17 -3.67
N GLU A 399 -25.88 -2.67 -4.81
CA GLU A 399 -26.58 -2.96 -6.07
C GLU A 399 -26.45 -4.46 -6.39
N VAL A 400 -25.29 -5.08 -6.16
CA VAL A 400 -25.16 -6.56 -6.36
C VAL A 400 -26.17 -7.31 -5.45
N ALA A 401 -26.17 -7.01 -4.16
CA ALA A 401 -27.13 -7.58 -3.16
C ALA A 401 -28.59 -7.47 -3.64
N GLN A 402 -29.02 -6.28 -4.07
CA GLN A 402 -30.43 -6.04 -4.48
C GLN A 402 -30.78 -6.91 -5.69
N VAL A 403 -29.86 -7.06 -6.65
CA VAL A 403 -30.12 -7.87 -7.88
C VAL A 403 -30.26 -9.36 -7.50
N ILE A 404 -29.50 -9.85 -6.51
CA ILE A 404 -29.51 -11.29 -6.10
C ILE A 404 -30.81 -11.62 -5.36
N THR A 405 -31.29 -10.71 -4.52
CA THR A 405 -32.46 -10.94 -3.63
C THR A 405 -33.74 -10.43 -4.30
N GLY A 406 -33.69 -9.89 -5.51
CA GLY A 406 -34.84 -9.24 -6.15
C GLY A 406 -35.30 -7.99 -5.41
N GLY A 407 -34.57 -7.54 -4.38
CA GLY A 407 -34.76 -6.25 -3.68
C GLY A 407 -35.38 -6.37 -2.29
N THR A 408 -35.44 -7.58 -1.72
CA THR A 408 -36.03 -7.86 -0.38
C THR A 408 -34.92 -7.84 0.66
N SER A 409 -33.65 -7.86 0.22
CA SER A 409 -32.44 -7.73 1.07
C SER A 409 -32.74 -6.71 2.17
N SER A 410 -32.60 -7.16 3.41
CA SER A 410 -32.77 -6.38 4.65
C SER A 410 -31.42 -5.78 5.10
N THR A 411 -30.31 -6.37 4.64
CA THR A 411 -28.95 -6.14 5.21
C THR A 411 -28.12 -5.32 4.22
N THR A 412 -28.75 -4.57 3.32
CA THR A 412 -28.07 -3.53 2.50
C THR A 412 -27.53 -2.43 3.44
N ALA A 413 -26.40 -1.83 3.04
CA ALA A 413 -25.40 -1.19 3.92
C ALA A 413 -25.60 0.34 3.95
N LEU A 414 -25.59 1.03 2.80
CA LEU A 414 -25.66 2.53 2.70
C LEU A 414 -26.92 3.08 3.40
N LYS A 415 -28.14 2.64 3.03
CA LYS A 415 -29.40 3.10 3.68
C LYS A 415 -29.32 2.83 5.20
N GLY A 416 -29.15 3.89 5.99
CA GLY A 416 -28.97 3.81 7.45
C GLY A 416 -27.49 3.75 7.83
N SER A 417 -26.64 4.47 7.08
CA SER A 417 -25.19 4.67 7.33
C SER A 417 -24.94 6.13 7.74
N THR A 418 -23.84 6.41 8.45
CA THR A 418 -23.46 7.79 8.90
C THR A 418 -23.09 8.63 7.67
N GLU A 419 -22.80 7.98 6.52
CA GLU A 419 -22.55 8.61 5.20
C GLU A 419 -23.85 9.15 4.56
N GLU A 420 -25.03 8.66 4.95
CA GLU A 420 -26.34 9.22 4.51
C GLU A 420 -26.64 10.49 5.30
N ALA A 421 -26.83 10.34 6.62
CA ALA A 421 -27.11 11.43 7.57
C ALA A 421 -26.04 12.52 7.45
N GLN A 422 -24.78 12.19 7.81
CA GLN A 422 -23.70 13.17 8.10
C GLN A 422 -22.96 13.61 6.82
N PHE A 423 -23.35 13.12 5.63
CA PHE A 423 -22.67 13.46 4.35
C PHE A 423 -23.69 13.39 3.20
N ASN B 3 3.65 -32.34 32.66
CA ASN B 3 2.97 -31.62 33.78
C ASN B 3 3.72 -30.30 34.05
N GLU B 4 4.94 -30.09 33.55
CA GLU B 4 5.84 -28.94 33.92
C GLU B 4 5.63 -27.74 32.97
N ARG B 5 5.17 -27.99 31.75
CA ARG B 5 4.84 -26.96 30.74
C ARG B 5 3.44 -26.42 31.03
N ILE B 6 2.53 -27.31 31.44
CA ILE B 6 1.21 -27.05 32.09
C ILE B 6 1.41 -26.19 33.35
N GLU B 7 2.46 -26.44 34.13
CA GLU B 7 2.71 -25.71 35.40
C GLU B 7 2.99 -24.24 35.03
N LYS B 8 4.05 -24.02 34.25
CA LYS B 8 4.54 -22.66 33.88
C LYS B 8 3.53 -21.96 32.97
N LEU B 9 2.26 -22.39 33.04
CA LEU B 9 1.09 -21.82 32.32
C LEU B 9 0.01 -21.56 33.38
N GLN B 10 -0.60 -22.62 33.93
CA GLN B 10 -1.59 -22.55 35.04
C GLN B 10 -1.05 -21.57 36.11
N GLU B 11 0.23 -21.66 36.45
CA GLU B 11 0.90 -20.68 37.35
C GLU B 11 0.60 -19.24 36.89
N SER B 12 1.14 -18.82 35.74
CA SER B 12 0.99 -17.46 35.15
C SER B 12 -0.45 -16.95 35.27
N TRP B 13 -1.45 -17.78 34.94
CA TRP B 13 -2.88 -17.42 35.02
C TRP B 13 -3.24 -16.97 36.46
N GLU B 14 -3.17 -17.91 37.42
CA GLU B 14 -3.39 -17.69 38.88
C GLU B 14 -2.77 -16.36 39.30
N LEU B 15 -1.48 -16.23 39.02
CA LEU B 15 -0.45 -15.44 39.77
C LEU B 15 0.00 -14.19 38.99
N ASP B 16 -0.56 -13.88 37.82
CA ASP B 16 -0.11 -12.71 37.01
C ASP B 16 -1.23 -11.67 36.98
N GLU B 17 -0.96 -10.47 37.50
CA GLU B 17 -1.89 -9.30 37.52
C GLU B 17 -2.45 -9.11 36.11
N ARG B 18 -1.62 -9.35 35.09
CA ARG B 18 -2.00 -9.26 33.66
C ARG B 18 -3.39 -9.88 33.43
N TRP B 19 -3.72 -10.96 34.14
CA TRP B 19 -4.97 -11.75 33.97
C TRP B 19 -6.03 -11.45 35.05
N GLU B 20 -5.85 -10.46 35.94
CA GLU B 20 -6.93 -10.15 36.94
C GLU B 20 -8.22 -9.79 36.20
N GLY B 21 -9.35 -10.35 36.64
CA GLY B 21 -10.70 -10.17 36.06
C GLY B 21 -10.88 -10.82 34.69
N ILE B 22 -10.11 -11.88 34.36
CA ILE B 22 -10.17 -12.64 33.08
C ILE B 22 -10.51 -14.10 33.40
N THR B 23 -11.66 -14.58 32.90
CA THR B 23 -12.07 -16.01 32.91
C THR B 23 -11.48 -16.70 31.67
N ARG B 24 -11.00 -17.94 31.86
CA ARG B 24 -10.61 -18.93 30.82
C ARG B 24 -11.31 -20.24 31.12
N PRO B 25 -12.46 -20.57 30.49
CA PRO B 25 -13.21 -21.75 30.88
C PRO B 25 -12.67 -23.02 30.17
N TYR B 26 -11.35 -23.18 30.15
CA TYR B 26 -10.65 -24.43 29.76
C TYR B 26 -9.48 -24.59 30.75
N SER B 27 -8.82 -25.74 30.72
CA SER B 27 -7.67 -26.06 31.60
C SER B 27 -6.40 -25.66 30.86
N ALA B 28 -5.33 -25.44 31.61
CA ALA B 28 -3.93 -25.47 31.13
C ALA B 28 -3.65 -26.83 30.49
N GLU B 29 -4.31 -27.92 30.92
CA GLU B 29 -4.17 -29.28 30.31
C GLU B 29 -4.63 -29.24 28.84
N ASP B 30 -5.82 -28.70 28.58
CA ASP B 30 -6.39 -28.49 27.21
C ASP B 30 -5.38 -27.74 26.32
N VAL B 31 -4.90 -26.56 26.72
CA VAL B 31 -3.94 -25.74 25.91
C VAL B 31 -2.73 -26.60 25.50
N ILE B 32 -2.08 -27.26 26.46
CA ILE B 32 -0.85 -28.06 26.20
C ILE B 32 -1.18 -29.26 25.30
N ARG B 33 -2.41 -29.78 25.35
CA ARG B 33 -2.87 -30.90 24.49
C ARG B 33 -2.91 -30.43 23.03
N LEU B 34 -3.16 -29.14 22.80
CA LEU B 34 -3.32 -28.56 21.44
C LEU B 34 -2.01 -27.92 20.96
N ARG B 35 -1.05 -27.64 21.85
CA ARG B 35 0.19 -26.92 21.44
C ARG B 35 1.04 -27.80 20.52
N GLY B 36 0.94 -29.13 20.66
CA GLY B 36 1.94 -30.07 20.15
C GLY B 36 3.09 -30.21 21.12
N SER B 37 4.17 -30.88 20.70
CA SER B 37 5.20 -31.45 21.61
C SER B 37 6.32 -30.44 21.92
N ILE B 38 6.32 -29.25 21.33
CA ILE B 38 7.41 -28.26 21.57
C ILE B 38 6.83 -26.84 21.62
N ASP B 39 7.67 -25.91 22.05
CA ASP B 39 7.33 -24.48 22.26
C ASP B 39 8.12 -23.68 21.23
N ILE B 40 7.42 -22.84 20.46
CA ILE B 40 8.05 -21.93 19.47
C ILE B 40 7.95 -20.49 19.98
N GLU B 41 9.09 -19.84 20.20
CA GLU B 41 9.18 -18.44 20.65
C GLU B 41 8.67 -17.54 19.52
N HIS B 42 7.87 -16.51 19.83
CA HIS B 42 7.45 -15.40 18.93
C HIS B 42 7.87 -14.07 19.54
N THR B 43 9.13 -13.68 19.35
CA THR B 43 9.77 -12.56 20.07
C THR B 43 8.89 -11.33 19.90
N LEU B 44 8.56 -10.97 18.64
CA LEU B 44 7.97 -9.66 18.33
C LEU B 44 6.62 -9.52 19.00
N ALA B 45 5.78 -10.55 18.95
CA ALA B 45 4.37 -10.56 19.43
C ALA B 45 4.35 -10.55 20.97
N ARG B 46 5.38 -11.14 21.57
CA ARG B 46 5.54 -11.22 23.04
C ARG B 46 6.02 -9.89 23.59
N ARG B 47 7.06 -9.28 23.01
CA ARG B 47 7.60 -7.97 23.51
C ARG B 47 6.51 -6.92 23.28
N GLY B 48 5.85 -6.99 22.12
CA GLY B 48 4.71 -6.16 21.69
C GLY B 48 3.61 -6.20 22.73
N ALA B 49 3.09 -7.39 23.00
CA ALA B 49 1.96 -7.59 23.95
C ALA B 49 2.35 -6.98 25.31
N GLU B 50 3.57 -7.25 25.77
CA GLU B 50 4.13 -6.74 27.05
C GLU B 50 4.20 -5.22 26.97
N LYS B 51 4.75 -4.64 25.89
CA LYS B 51 4.95 -3.17 25.72
C LYS B 51 3.60 -2.44 25.65
N LEU B 52 2.64 -2.96 24.91
CA LEU B 52 1.29 -2.37 24.86
C LEU B 52 0.65 -2.44 26.25
N TRP B 53 0.82 -3.53 26.98
CA TRP B 53 0.14 -3.72 28.28
C TRP B 53 0.68 -2.71 29.29
N THR B 54 2.01 -2.65 29.43
CA THR B 54 2.75 -1.60 30.18
C THR B 54 2.17 -0.23 29.81
N SER B 55 2.30 0.19 28.54
CA SER B 55 1.91 1.55 28.08
C SER B 55 0.49 1.90 28.55
N LEU B 56 -0.46 0.97 28.44
CA LEU B 56 -1.90 1.24 28.72
C LEU B 56 -2.09 1.53 30.22
N HIS B 57 -1.15 1.11 31.07
CA HIS B 57 -1.18 1.34 32.54
C HIS B 57 -0.24 2.47 32.93
N THR B 58 0.75 2.83 32.12
CA THR B 58 1.73 3.91 32.47
C THR B 58 1.45 5.23 31.74
N GLU B 59 0.52 5.26 30.77
CA GLU B 59 0.21 6.48 29.96
C GLU B 59 -1.18 7.00 30.36
N ASP B 60 -1.42 8.31 30.18
CA ASP B 60 -2.75 8.94 30.35
C ASP B 60 -3.76 8.22 29.45
N TYR B 61 -3.27 7.79 28.28
CA TYR B 61 -4.04 7.09 27.23
C TYR B 61 -3.12 6.95 26.02
N ILE B 62 -3.53 6.15 25.05
CA ILE B 62 -2.71 5.83 23.86
C ILE B 62 -3.57 6.05 22.63
N ASN B 63 -3.22 7.06 21.84
CA ASN B 63 -3.95 7.42 20.60
C ASN B 63 -3.14 6.85 19.41
N ALA B 64 -3.83 6.29 18.43
CA ALA B 64 -3.22 5.67 17.24
C ALA B 64 -3.90 6.23 16.00
N LEU B 65 -3.27 6.06 14.85
CA LEU B 65 -3.87 6.26 13.51
C LEU B 65 -3.82 4.95 12.74
N GLY B 66 -4.82 4.68 11.90
CA GLY B 66 -4.82 3.54 11.00
C GLY B 66 -3.66 3.63 10.01
N ALA B 67 -3.01 2.49 9.74
CA ALA B 67 -1.92 2.31 8.75
C ALA B 67 -2.21 1.10 7.87
N LEU B 68 -2.05 1.27 6.55
CA LEU B 68 -2.18 0.21 5.53
C LEU B 68 -0.88 0.07 4.75
N THR B 69 0.21 0.74 5.18
CA THR B 69 1.61 0.40 4.77
C THR B 69 2.60 0.56 5.94
N GLY B 70 3.74 -0.11 5.84
CA GLY B 70 4.86 -0.01 6.79
C GLY B 70 5.51 1.35 6.75
N ASN B 71 5.60 1.99 5.60
CA ASN B 71 6.09 3.39 5.51
C ASN B 71 5.14 4.20 6.39
N GLN B 72 3.83 4.03 6.21
CA GLN B 72 2.83 4.86 6.94
C GLN B 72 3.05 4.72 8.45
N ALA B 73 3.29 3.49 8.91
CA ALA B 73 3.47 3.13 10.34
C ALA B 73 4.80 3.69 10.86
N MET B 74 5.80 3.72 9.99
CA MET B 74 7.16 4.23 10.33
C MET B 74 7.03 5.73 10.61
N GLN B 75 6.20 6.46 9.85
CA GLN B 75 6.01 7.91 10.09
C GLN B 75 5.20 8.10 11.39
N GLN B 76 4.20 7.27 11.63
CA GLN B 76 3.48 7.30 12.93
C GLN B 76 4.48 7.21 14.09
N VAL B 77 5.45 6.31 13.99
CA VAL B 77 6.43 6.03 15.07
C VAL B 77 7.47 7.14 15.14
N LYS B 78 7.88 7.69 14.01
CA LYS B 78 8.90 8.76 14.00
C LYS B 78 8.22 10.05 14.50
N ALA B 79 6.88 10.12 14.43
CA ALA B 79 6.08 11.28 14.87
C ALA B 79 5.88 11.22 16.39
N GLY B 80 6.02 10.04 16.99
CA GLY B 80 5.97 9.84 18.45
C GLY B 80 4.72 9.10 18.88
N LEU B 81 3.96 8.49 17.97
CA LEU B 81 2.83 7.61 18.43
C LEU B 81 3.40 6.28 18.95
N LYS B 82 2.68 5.63 19.86
CA LYS B 82 3.17 4.52 20.72
C LYS B 82 2.31 3.30 20.46
N ALA B 83 1.48 3.35 19.43
CA ALA B 83 0.72 2.17 18.95
C ALA B 83 0.39 2.38 17.48
N ILE B 84 0.01 1.32 16.78
CA ILE B 84 -0.42 1.40 15.36
C ILE B 84 -1.73 0.67 15.24
N TYR B 85 -2.69 1.24 14.52
CA TYR B 85 -4.02 0.63 14.32
C TYR B 85 -4.06 0.05 12.91
N LEU B 86 -4.26 -1.27 12.81
CA LEU B 86 -4.41 -1.98 11.52
C LEU B 86 -5.91 -2.14 11.21
N SER B 87 -6.45 -1.24 10.39
CA SER B 87 -7.89 -1.13 10.01
C SER B 87 -8.20 -2.19 8.97
N GLY B 88 -9.17 -3.06 9.24
CA GLY B 88 -9.72 -3.99 8.22
C GLY B 88 -10.37 -3.26 7.04
N TRP B 89 -11.06 -2.15 7.28
CA TRP B 89 -11.62 -1.25 6.22
C TRP B 89 -10.54 -0.89 5.20
N GLN B 90 -9.41 -0.32 5.67
CA GLN B 90 -8.32 0.21 4.80
C GLN B 90 -7.75 -0.93 3.92
N VAL B 91 -7.46 -2.10 4.53
CA VAL B 91 -7.00 -3.35 3.85
C VAL B 91 -8.03 -3.74 2.78
N ALA B 92 -9.31 -3.76 3.14
CA ALA B 92 -10.39 -4.00 2.17
C ALA B 92 -10.27 -3.00 1.03
N ALA B 93 -9.97 -1.75 1.36
CA ALA B 93 -10.03 -0.63 0.39
C ALA B 93 -8.80 -0.68 -0.51
N ASP B 94 -7.60 -0.96 0.03
CA ASP B 94 -6.35 -0.69 -0.73
C ASP B 94 -5.19 -1.64 -0.41
N ALA B 95 -5.31 -2.68 0.42
CA ALA B 95 -4.14 -3.50 0.83
C ALA B 95 -4.45 -5.00 1.11
N ASN B 96 -5.38 -5.63 0.41
CA ASN B 96 -5.75 -7.04 0.65
C ASN B 96 -5.07 -7.93 -0.40
N LEU B 97 -4.87 -9.21 -0.09
CA LEU B 97 -4.22 -10.25 -0.95
C LEU B 97 -4.99 -10.53 -2.26
N SER B 98 -6.28 -10.17 -2.37
CA SER B 98 -7.02 -10.32 -3.63
C SER B 98 -6.58 -9.24 -4.64
N GLY B 99 -6.11 -8.10 -4.15
CA GLY B 99 -5.73 -6.92 -4.97
C GLY B 99 -6.93 -6.07 -5.38
N HIS B 100 -8.13 -6.33 -4.87
CA HIS B 100 -9.36 -5.60 -5.29
C HIS B 100 -9.58 -4.49 -4.27
N MET B 101 -10.15 -3.36 -4.72
CA MET B 101 -10.88 -2.41 -3.86
C MET B 101 -12.25 -3.03 -3.47
N TYR B 102 -12.44 -3.21 -2.18
CA TYR B 102 -13.71 -3.69 -1.61
C TYR B 102 -14.25 -2.70 -0.56
N PRO B 103 -15.58 -2.61 -0.41
CA PRO B 103 -16.15 -2.19 0.87
C PRO B 103 -15.82 -3.13 2.04
N ASP B 104 -16.25 -2.73 3.22
CA ASP B 104 -15.84 -3.32 4.52
C ASP B 104 -16.92 -4.33 4.87
N GLN B 105 -16.94 -5.47 4.16
CA GLN B 105 -17.97 -6.53 4.33
C GLN B 105 -17.30 -7.91 4.37
N SER B 106 -16.10 -8.06 4.96
CA SER B 106 -15.28 -9.30 4.97
C SER B 106 -15.27 -9.94 3.58
N LEU B 107 -14.80 -9.22 2.57
CA LEU B 107 -14.81 -9.71 1.16
C LEU B 107 -13.46 -10.30 0.82
N TYR B 108 -12.39 -9.82 1.46
CA TYR B 108 -10.99 -10.15 1.12
C TYR B 108 -10.60 -11.49 1.74
N PRO B 109 -9.51 -12.12 1.27
CA PRO B 109 -9.01 -13.35 1.89
C PRO B 109 -8.61 -13.11 3.35
N ALA B 110 -8.89 -14.08 4.22
CA ALA B 110 -8.81 -13.90 5.70
C ALA B 110 -7.36 -13.77 6.18
N ASN B 111 -6.35 -14.07 5.35
CA ASN B 111 -4.94 -13.88 5.80
C ASN B 111 -4.39 -12.51 5.35
N SER B 112 -5.22 -11.63 4.77
CA SER B 112 -4.80 -10.27 4.32
C SER B 112 -4.28 -9.38 5.45
N VAL B 113 -4.96 -9.30 6.61
CA VAL B 113 -4.55 -8.35 7.69
C VAL B 113 -3.22 -8.81 8.27
N PRO B 114 -3.05 -10.10 8.61
CA PRO B 114 -1.76 -10.59 9.09
C PRO B 114 -0.59 -10.38 8.11
N ALA B 115 -0.84 -10.40 6.80
CA ALA B 115 0.22 -10.04 5.85
C ALA B 115 0.60 -8.58 6.10
N VAL B 116 -0.36 -7.69 6.39
CA VAL B 116 -0.03 -6.25 6.58
C VAL B 116 0.68 -6.05 7.91
N VAL B 117 0.33 -6.78 8.98
CA VAL B 117 1.08 -6.72 10.28
C VAL B 117 2.56 -7.10 10.09
N LYS B 118 2.86 -8.17 9.33
CA LYS B 118 4.24 -8.64 9.03
C LYS B 118 4.96 -7.58 8.20
N ARG B 119 4.30 -7.08 7.15
CA ARG B 119 4.77 -5.89 6.38
C ARG B 119 5.24 -4.82 7.37
N ILE B 120 4.37 -4.40 8.29
CA ILE B 120 4.64 -3.22 9.17
C ILE B 120 5.86 -3.55 10.03
N ASN B 121 5.89 -4.70 10.69
CA ASN B 121 7.01 -5.12 11.57
C ASN B 121 8.31 -5.21 10.78
N GLN B 122 8.27 -5.69 9.54
CA GLN B 122 9.48 -5.78 8.67
C GLN B 122 9.97 -4.37 8.37
N THR B 123 9.08 -3.41 8.09
CA THR B 123 9.49 -2.00 7.89
C THR B 123 10.14 -1.49 9.18
N LEU B 124 9.51 -1.71 10.32
CA LEU B 124 10.01 -1.16 11.60
C LEU B 124 11.41 -1.72 11.92
N GLN B 125 11.60 -3.03 11.78
CA GLN B 125 12.91 -3.74 11.92
C GLN B 125 13.97 -3.08 11.04
N ARG B 126 13.67 -2.82 9.78
CA ARG B 126 14.64 -2.13 8.90
C ARG B 126 14.95 -0.75 9.50
N ALA B 127 13.94 -0.03 9.98
CA ALA B 127 14.15 1.30 10.59
C ALA B 127 15.06 1.12 11.80
N ASP B 128 14.77 0.14 12.65
CA ASP B 128 15.66 -0.20 13.79
C ASP B 128 17.05 -0.61 13.30
N GLN B 129 17.18 -1.34 12.19
CA GLN B 129 18.50 -1.85 11.76
C GLN B 129 19.35 -0.65 11.34
N ILE B 130 18.77 0.31 10.66
CA ILE B 130 19.48 1.53 10.15
C ILE B 130 19.99 2.34 11.35
N GLN B 131 19.11 2.59 12.35
CA GLN B 131 19.43 3.44 13.52
C GLN B 131 20.54 2.76 14.34
N HIS B 132 20.37 1.46 14.61
CA HIS B 132 21.36 0.62 15.33
C HIS B 132 22.76 0.74 14.71
N MET B 133 22.90 0.45 13.40
CA MET B 133 24.16 0.48 12.62
C MET B 133 24.85 1.86 12.75
N GLU B 134 24.09 2.95 12.59
CA GLU B 134 24.53 4.37 12.65
C GLU B 134 24.84 4.78 14.09
N GLY B 135 24.07 4.30 15.07
CA GLY B 135 24.03 4.84 16.45
C GLY B 135 23.56 6.29 16.49
N SER B 136 22.67 6.69 15.57
CA SER B 136 22.26 8.07 15.24
C SER B 136 21.09 8.56 16.13
N ASP B 137 20.36 7.66 16.78
CA ASP B 137 19.17 7.99 17.62
C ASP B 137 18.86 6.74 18.44
N ASP B 138 17.95 6.86 19.41
CA ASP B 138 17.49 5.78 20.32
C ASP B 138 15.96 5.63 20.24
N THR B 139 15.34 5.75 19.06
CA THR B 139 13.89 5.51 18.91
C THR B 139 13.58 4.01 18.95
N ASP B 140 12.56 3.62 19.71
CA ASP B 140 12.06 2.23 19.80
C ASP B 140 11.03 2.05 18.69
N TYR B 141 11.45 1.44 17.57
CA TYR B 141 10.60 1.25 16.36
C TYR B 141 9.64 0.08 16.56
N PHE B 142 9.90 -0.82 17.51
CA PHE B 142 8.99 -1.97 17.80
C PHE B 142 7.77 -1.50 18.60
N VAL B 143 6.95 -0.64 17.98
CA VAL B 143 5.68 -0.17 18.62
C VAL B 143 4.57 -1.17 18.36
N PRO B 144 3.75 -1.42 19.38
CA PRO B 144 2.69 -2.40 19.29
C PRO B 144 1.71 -2.05 18.17
N ILE B 145 1.32 -3.09 17.44
CA ILE B 145 0.33 -3.06 16.36
C ILE B 145 -0.92 -3.74 16.88
N VAL B 146 -2.06 -3.08 16.67
CA VAL B 146 -3.40 -3.58 17.08
C VAL B 146 -4.20 -3.72 15.79
N ALA B 147 -4.55 -4.97 15.51
CA ALA B 147 -5.10 -5.42 14.23
C ALA B 147 -6.57 -5.87 14.36
N ASP B 148 -7.29 -5.62 13.28
CA ASP B 148 -8.72 -5.88 13.07
C ASP B 148 -8.89 -7.32 12.59
N ALA B 149 -9.55 -8.20 13.36
CA ALA B 149 -9.89 -9.60 12.99
C ALA B 149 -11.35 -9.74 12.52
N GLU B 150 -12.01 -8.61 12.23
CA GLU B 150 -13.45 -8.50 11.91
C GLU B 150 -14.24 -9.44 12.83
N ALA B 151 -15.05 -10.34 12.27
CA ALA B 151 -15.83 -11.37 13.01
C ALA B 151 -15.19 -12.75 12.89
N GLY B 152 -13.96 -12.84 12.34
CA GLY B 152 -13.14 -14.05 12.32
C GLY B 152 -13.22 -14.82 11.01
N PHE B 153 -14.01 -14.33 10.05
CA PHE B 153 -14.15 -14.89 8.69
C PHE B 153 -14.69 -16.33 8.80
N GLY B 154 -15.82 -16.50 9.49
CA GLY B 154 -16.56 -17.76 9.62
C GLY B 154 -16.79 -18.13 11.08
N GLY B 155 -16.45 -19.36 11.45
CA GLY B 155 -16.80 -19.95 12.75
C GLY B 155 -15.71 -19.78 13.78
N GLN B 156 -15.85 -20.54 14.86
CA GLN B 156 -14.94 -20.59 16.03
C GLN B 156 -13.51 -21.00 15.60
N LEU B 157 -13.38 -21.85 14.58
CA LEU B 157 -12.10 -22.44 14.12
C LEU B 157 -11.40 -21.43 13.19
N ASN B 158 -12.17 -20.69 12.39
CA ASN B 158 -11.61 -19.56 11.57
C ASN B 158 -10.98 -18.51 12.51
N VAL B 159 -11.74 -18.02 13.49
CA VAL B 159 -11.29 -17.10 14.56
C VAL B 159 -9.93 -17.57 15.12
N PHE B 160 -9.88 -18.85 15.51
CA PHE B 160 -8.71 -19.55 16.10
C PHE B 160 -7.50 -19.41 15.16
N GLU B 161 -7.68 -19.83 13.91
CA GLU B 161 -6.68 -19.77 12.82
C GLU B 161 -6.26 -18.32 12.61
N LEU B 162 -7.22 -17.40 12.45
CA LEU B 162 -6.97 -15.96 12.27
C LEU B 162 -6.11 -15.43 13.43
N MET B 163 -6.54 -15.70 14.67
CA MET B 163 -5.78 -15.25 15.87
C MET B 163 -4.35 -15.78 15.76
N LYS B 164 -4.15 -17.08 15.47
CA LYS B 164 -2.80 -17.70 15.32
C LYS B 164 -2.02 -16.90 14.28
N GLY B 165 -2.62 -16.68 13.09
CA GLY B 165 -2.08 -15.81 12.04
C GLY B 165 -1.62 -14.45 12.55
N MET B 166 -2.42 -13.76 13.39
CA MET B 166 -2.13 -12.38 13.87
C MET B 166 -0.87 -12.40 14.73
N ILE B 167 -0.66 -13.50 15.47
CA ILE B 167 0.45 -13.63 16.44
C ILE B 167 1.71 -13.98 15.66
N GLU B 168 1.60 -14.98 14.77
CA GLU B 168 2.67 -15.36 13.79
C GLU B 168 3.19 -14.06 13.15
N ALA B 169 2.29 -13.24 12.60
CA ALA B 169 2.60 -11.93 11.99
C ALA B 169 3.29 -10.98 13.00
N GLY B 170 2.89 -11.00 14.27
CA GLY B 170 3.52 -10.24 15.35
C GLY B 170 2.69 -9.05 15.80
N ALA B 171 1.37 -9.11 15.62
CA ALA B 171 0.38 -8.22 16.27
C ALA B 171 0.59 -8.30 17.78
N SER B 172 0.31 -7.20 18.49
CA SER B 172 0.38 -7.04 19.95
C SER B 172 -1.03 -7.09 20.52
N GLY B 173 -2.04 -6.76 19.71
CA GLY B 173 -3.47 -6.83 20.07
C GLY B 173 -4.36 -7.08 18.85
N VAL B 174 -5.50 -7.75 19.06
CA VAL B 174 -6.45 -8.15 17.98
C VAL B 174 -7.86 -7.73 18.41
N HIS B 175 -8.72 -7.34 17.48
CA HIS B 175 -10.12 -7.02 17.85
C HIS B 175 -11.14 -7.85 17.05
N PHE B 176 -12.04 -8.49 17.80
CA PHE B 176 -13.19 -9.31 17.30
C PHE B 176 -14.48 -8.57 17.66
N GLU B 177 -15.41 -8.57 16.71
CA GLU B 177 -16.71 -7.85 16.86
C GLU B 177 -17.82 -8.89 16.81
N ASP B 178 -18.93 -8.59 17.48
CA ASP B 178 -20.08 -9.49 17.71
C ASP B 178 -21.06 -9.47 16.52
N GLN B 179 -20.60 -9.06 15.33
CA GLN B 179 -21.37 -9.14 14.06
C GLN B 179 -21.27 -10.56 13.49
N LEU B 180 -22.19 -10.86 12.58
CA LEU B 180 -22.24 -12.14 11.81
C LEU B 180 -21.30 -11.98 10.61
N SER B 181 -20.29 -12.85 10.54
CA SER B 181 -19.17 -12.80 9.56
C SER B 181 -19.74 -12.62 8.15
N SER B 182 -20.81 -13.37 7.88
CA SER B 182 -21.57 -13.49 6.60
C SER B 182 -22.27 -12.17 6.17
N GLU B 183 -22.69 -11.31 7.11
CA GLU B 183 -23.29 -9.95 6.87
C GLU B 183 -22.47 -8.86 7.57
N LYS B 184 -21.17 -9.04 7.68
CA LYS B 184 -20.32 -8.11 8.46
C LYS B 184 -20.31 -6.79 7.70
N LYS B 185 -20.35 -5.69 8.42
CA LYS B 185 -20.30 -4.33 7.83
C LYS B 185 -19.33 -3.47 8.67
N CYS B 186 -18.91 -2.35 8.08
CA CYS B 186 -18.35 -1.17 8.80
C CYS B 186 -19.33 -0.81 9.93
N GLY B 187 -18.81 -0.52 11.12
CA GLY B 187 -19.60 -0.06 12.29
C GLY B 187 -20.57 1.07 11.95
N HIS B 188 -20.24 1.89 10.94
CA HIS B 188 -20.95 3.16 10.61
C HIS B 188 -21.81 2.99 9.35
N LEU B 189 -22.15 1.73 9.01
CA LEU B 189 -23.08 1.36 7.90
C LEU B 189 -24.33 0.69 8.48
N GLY B 190 -25.40 0.65 7.66
CA GLY B 190 -26.68 0.01 7.97
C GLY B 190 -26.61 -1.47 7.72
N GLY B 191 -27.65 -2.21 8.13
CA GLY B 191 -27.82 -3.64 7.84
C GLY B 191 -26.91 -4.50 8.69
N LYS B 192 -26.47 -4.02 9.86
CA LYS B 192 -25.65 -4.81 10.82
C LYS B 192 -26.51 -5.95 11.41
N VAL B 193 -25.90 -7.14 11.55
CA VAL B 193 -26.55 -8.35 12.14
C VAL B 193 -25.65 -8.88 13.27
N LEU B 194 -26.21 -8.94 14.47
CA LEU B 194 -25.54 -9.41 15.69
C LEU B 194 -25.54 -10.93 15.69
N LEU B 195 -24.52 -11.52 16.32
CA LEU B 195 -24.48 -12.94 16.77
C LEU B 195 -25.18 -13.02 18.13
N PRO B 196 -25.83 -14.15 18.46
CA PRO B 196 -26.17 -14.43 19.85
C PRO B 196 -24.99 -14.03 20.74
N THR B 197 -25.27 -13.51 21.92
CA THR B 197 -24.25 -13.14 22.93
C THR B 197 -23.31 -14.34 23.15
N GLN B 198 -23.84 -15.56 23.32
CA GLN B 198 -23.02 -16.79 23.61
C GLN B 198 -22.06 -17.09 22.46
N THR B 199 -22.51 -16.88 21.20
CA THR B 199 -21.71 -17.09 19.98
C THR B 199 -20.58 -16.05 19.93
N ALA B 200 -20.86 -14.79 20.29
CA ALA B 200 -19.81 -13.72 20.38
C ALA B 200 -18.85 -14.06 21.52
N VAL B 201 -19.32 -14.72 22.57
CA VAL B 201 -18.45 -15.12 23.73
C VAL B 201 -17.57 -16.31 23.33
N ARG B 202 -18.11 -17.27 22.57
CA ARG B 202 -17.30 -18.41 22.04
C ARG B 202 -16.17 -17.89 21.11
N ASN B 203 -16.40 -16.87 20.27
CA ASN B 203 -15.34 -16.26 19.41
C ASN B 203 -14.19 -15.79 20.31
N LEU B 204 -14.53 -15.14 21.42
CA LEU B 204 -13.55 -14.49 22.33
C LEU B 204 -12.75 -15.58 23.05
N ILE B 205 -13.39 -16.66 23.53
CA ILE B 205 -12.70 -17.84 24.16
C ILE B 205 -11.73 -18.43 23.14
N SER B 206 -12.21 -18.67 21.92
CA SER B 206 -11.43 -19.14 20.74
C SER B 206 -10.16 -18.32 20.57
N ALA B 207 -10.28 -16.98 20.50
CA ALA B 207 -9.12 -16.07 20.33
C ALA B 207 -8.12 -16.27 21.47
N ARG B 208 -8.60 -16.36 22.69
CA ARG B 208 -7.75 -16.43 23.88
C ARG B 208 -7.07 -17.80 23.92
N LEU B 209 -7.81 -18.87 23.66
CA LEU B 209 -7.25 -20.25 23.56
C LEU B 209 -6.13 -20.26 22.51
N ALA B 210 -6.36 -19.63 21.35
CA ALA B 210 -5.33 -19.50 20.28
C ALA B 210 -4.10 -18.77 20.84
N ALA B 211 -4.30 -17.63 21.50
CA ALA B 211 -3.22 -16.86 22.15
C ALA B 211 -2.49 -17.73 23.20
N ASP B 212 -3.23 -18.62 23.88
CA ASP B 212 -2.66 -19.50 24.94
C ASP B 212 -1.83 -20.63 24.29
N VAL B 213 -2.33 -21.22 23.22
CA VAL B 213 -1.58 -22.28 22.50
C VAL B 213 -0.29 -21.66 21.95
N MET B 214 -0.33 -20.41 21.46
CA MET B 214 0.82 -19.75 20.80
C MET B 214 1.81 -19.31 21.88
N GLY B 215 1.41 -19.38 23.15
CA GLY B 215 2.23 -19.04 24.33
C GLY B 215 2.49 -17.54 24.42
N VAL B 216 1.54 -16.68 24.02
CA VAL B 216 1.73 -15.19 23.97
C VAL B 216 0.59 -14.44 24.63
N PRO B 217 0.88 -13.45 25.50
CA PRO B 217 -0.15 -12.70 26.22
C PRO B 217 -0.78 -11.57 25.39
N THR B 218 -1.09 -11.89 24.13
CA THR B 218 -1.75 -10.99 23.16
C THR B 218 -2.99 -10.36 23.84
N ILE B 219 -3.16 -9.05 23.68
CA ILE B 219 -4.31 -8.24 24.16
C ILE B 219 -5.52 -8.47 23.26
N ILE B 220 -6.69 -8.76 23.82
CA ILE B 220 -7.92 -9.14 23.05
C ILE B 220 -8.93 -8.05 23.32
N VAL B 221 -9.37 -7.37 22.26
CA VAL B 221 -10.37 -6.28 22.38
C VAL B 221 -11.73 -6.86 21.99
N ALA B 222 -12.72 -6.83 22.88
CA ALA B 222 -14.11 -7.16 22.49
C ALA B 222 -14.81 -5.86 22.08
N ARG B 223 -15.31 -5.88 20.86
CA ARG B 223 -16.15 -4.83 20.26
C ARG B 223 -17.59 -5.33 20.18
N THR B 224 -18.55 -4.44 20.43
CA THR B 224 -20.00 -4.65 20.16
C THR B 224 -20.49 -3.66 19.10
N ASP B 225 -21.34 -4.16 18.21
CA ASP B 225 -22.03 -3.37 17.17
C ASP B 225 -23.48 -3.13 17.59
N ALA B 226 -23.82 -3.47 18.84
CA ALA B 226 -25.20 -3.61 19.36
C ALA B 226 -25.90 -2.24 19.47
N ASP B 227 -25.12 -1.16 19.40
CA ASP B 227 -25.64 0.24 19.44
C ASP B 227 -26.53 0.56 18.23
N ALA B 228 -26.07 0.33 17.00
CA ALA B 228 -26.84 0.58 15.76
C ALA B 228 -27.55 -0.71 15.34
N ALA B 229 -26.86 -1.85 15.44
CA ALA B 229 -27.33 -3.17 14.99
C ALA B 229 -28.70 -3.46 15.62
N ASP B 230 -29.73 -3.65 14.77
CA ASP B 230 -31.15 -3.91 15.14
C ASP B 230 -31.61 -5.23 14.52
N LEU B 231 -30.67 -6.11 14.27
CA LEU B 231 -30.97 -7.47 13.77
C LEU B 231 -30.06 -8.40 14.54
N ILE B 232 -30.43 -9.67 14.66
CA ILE B 232 -29.65 -10.74 15.35
C ILE B 232 -29.98 -12.06 14.64
N THR B 233 -29.11 -13.07 14.68
CA THR B 233 -29.30 -14.29 13.86
C THR B 233 -30.23 -15.29 14.57
N SER B 234 -30.30 -15.25 15.89
CA SER B 234 -31.05 -16.27 16.68
C SER B 234 -31.52 -15.68 18.02
N ASP B 235 -32.59 -16.28 18.55
CA ASP B 235 -33.23 -15.96 19.85
C ASP B 235 -32.74 -16.99 20.89
N ILE B 236 -31.76 -17.81 20.52
CA ILE B 236 -31.34 -19.01 21.30
C ILE B 236 -30.85 -18.62 22.69
N ASP B 237 -30.17 -17.48 22.87
CA ASP B 237 -29.62 -17.08 24.20
C ASP B 237 -30.69 -16.31 24.97
N PRO B 238 -31.15 -16.85 26.12
CA PRO B 238 -32.08 -16.13 27.02
C PRO B 238 -31.73 -14.63 27.19
N VAL B 239 -30.45 -14.32 27.48
CA VAL B 239 -29.87 -12.95 27.59
C VAL B 239 -30.35 -12.01 26.47
N ASP B 240 -30.60 -12.49 25.25
CA ASP B 240 -30.90 -11.57 24.12
C ASP B 240 -32.42 -11.43 23.96
N LYS B 241 -33.19 -12.36 24.53
CA LYS B 241 -34.67 -12.36 24.36
C LYS B 241 -35.18 -11.03 24.94
N ALA B 242 -34.48 -10.47 25.93
CA ALA B 242 -34.78 -9.15 26.51
C ALA B 242 -34.85 -8.03 25.44
N PHE B 243 -34.35 -8.22 24.21
CA PHE B 243 -34.22 -7.10 23.24
C PHE B 243 -35.00 -7.37 21.94
N ILE B 244 -35.38 -8.62 21.66
CA ILE B 244 -36.01 -9.01 20.36
C ILE B 244 -37.49 -8.58 20.38
N THR B 245 -38.04 -8.12 19.26
CA THR B 245 -39.47 -7.71 19.15
C THR B 245 -40.32 -8.96 18.86
N GLY B 246 -39.73 -9.92 18.14
CA GLY B 246 -40.42 -11.13 17.64
C GLY B 246 -40.68 -10.99 16.14
N GLU B 247 -40.75 -9.77 15.62
CA GLU B 247 -40.71 -9.47 14.17
C GLU B 247 -39.49 -10.15 13.54
N ARG B 248 -39.59 -10.50 12.26
CA ARG B 248 -38.50 -11.18 11.52
C ARG B 248 -38.50 -10.69 10.07
N THR B 249 -37.30 -10.59 9.51
CA THR B 249 -37.05 -10.16 8.13
C THR B 249 -37.31 -11.37 7.23
N PRO B 250 -37.30 -11.23 5.88
CA PRO B 250 -37.43 -12.39 5.00
C PRO B 250 -36.30 -13.42 5.22
N GLU B 251 -35.05 -12.97 5.25
CA GLU B 251 -33.81 -13.76 5.48
C GLU B 251 -34.01 -14.72 6.66
N GLY B 252 -34.86 -14.36 7.62
CA GLY B 252 -35.07 -15.15 8.84
C GLY B 252 -34.58 -14.42 10.08
N PHE B 253 -33.80 -13.35 9.96
CA PHE B 253 -33.18 -12.65 11.14
C PHE B 253 -34.28 -12.05 12.03
N TYR B 254 -33.91 -11.69 13.26
CA TYR B 254 -34.81 -11.18 14.32
C TYR B 254 -34.54 -9.68 14.51
N ARG B 255 -35.60 -8.86 14.43
CA ARG B 255 -35.56 -7.43 14.79
C ARG B 255 -35.30 -7.30 16.29
N THR B 256 -34.61 -6.24 16.69
CA THR B 256 -34.07 -5.98 18.05
C THR B 256 -34.15 -4.48 18.35
N ASN B 257 -34.21 -4.09 19.63
CA ASN B 257 -34.12 -2.68 20.11
C ASN B 257 -32.65 -2.30 20.26
N ALA B 258 -32.06 -1.76 19.19
CA ALA B 258 -30.66 -1.28 19.17
C ALA B 258 -30.56 -0.15 20.20
N GLY B 259 -29.35 0.27 20.51
CA GLY B 259 -29.08 1.40 21.42
C GLY B 259 -28.19 1.00 22.57
N LEU B 260 -27.89 1.99 23.42
CA LEU B 260 -26.83 1.90 24.43
C LEU B 260 -27.19 0.76 25.37
N ASP B 261 -28.45 0.37 25.45
CA ASP B 261 -28.86 -0.71 26.37
C ASP B 261 -28.30 -2.04 25.85
N GLN B 262 -28.47 -2.30 24.56
CA GLN B 262 -27.98 -3.53 23.92
C GLN B 262 -26.45 -3.52 23.93
N ALA B 263 -25.85 -2.35 23.70
CA ALA B 263 -24.38 -2.22 23.66
C ALA B 263 -23.84 -2.64 25.03
N ILE B 264 -24.56 -2.23 26.07
CA ILE B 264 -24.15 -2.40 27.51
C ILE B 264 -24.32 -3.88 27.90
N ALA B 265 -25.46 -4.48 27.54
CA ALA B 265 -25.73 -5.94 27.69
C ALA B 265 -24.56 -6.75 27.10
N ARG B 266 -24.12 -6.42 25.88
CA ARG B 266 -23.00 -7.15 25.23
C ARG B 266 -21.70 -6.86 25.99
N GLY B 267 -21.48 -5.60 26.36
CA GLY B 267 -20.22 -5.16 26.99
C GLY B 267 -19.95 -5.89 28.28
N LEU B 268 -20.94 -6.02 29.16
CA LEU B 268 -20.78 -6.76 30.45
C LEU B 268 -20.62 -8.25 30.15
N ALA B 269 -21.31 -8.80 29.15
CA ALA B 269 -21.19 -10.23 28.77
C ALA B 269 -19.77 -10.54 28.26
N TYR B 270 -19.18 -9.67 27.44
CA TYR B 270 -17.88 -9.91 26.76
C TYR B 270 -16.71 -9.57 27.72
N ALA B 271 -16.97 -8.75 28.74
CA ALA B 271 -15.91 -8.11 29.56
C ALA B 271 -15.05 -9.14 30.31
N PRO B 272 -15.61 -10.22 30.90
CA PRO B 272 -14.78 -11.28 31.50
C PRO B 272 -13.86 -12.08 30.54
N TYR B 273 -14.01 -11.87 29.23
CA TYR B 273 -13.32 -12.64 28.15
C TYR B 273 -12.40 -11.73 27.32
N ALA B 274 -12.28 -10.43 27.66
CA ALA B 274 -11.49 -9.43 26.91
C ALA B 274 -10.64 -8.59 27.87
N ASP B 275 -9.54 -8.05 27.37
CA ASP B 275 -8.68 -7.12 28.14
C ASP B 275 -9.18 -5.70 27.93
N LEU B 276 -9.72 -5.38 26.75
CA LEU B 276 -10.44 -4.11 26.51
C LEU B 276 -11.82 -4.40 25.92
N VAL B 277 -12.72 -3.46 26.17
CA VAL B 277 -14.11 -3.46 25.65
C VAL B 277 -14.24 -2.17 24.86
N TRP B 278 -14.99 -2.23 23.77
CA TRP B 278 -15.10 -1.18 22.74
C TRP B 278 -16.55 -1.17 22.30
N CYS B 279 -17.23 -0.03 22.46
CA CYS B 279 -18.60 0.19 21.94
C CYS B 279 -18.54 1.03 20.67
N GLU B 280 -18.87 0.45 19.50
CA GLU B 280 -19.04 1.21 18.24
C GLU B 280 -20.23 2.15 18.45
N THR B 281 -20.02 3.42 18.12
CA THR B 281 -20.99 4.52 18.33
C THR B 281 -21.20 5.20 16.98
N SER B 282 -22.37 5.83 16.83
CA SER B 282 -22.90 6.45 15.60
C SER B 282 -22.46 7.92 15.52
N GLU B 283 -22.04 8.48 16.66
CA GLU B 283 -21.44 9.84 16.81
C GLU B 283 -20.54 9.87 18.05
N PRO B 284 -19.67 10.91 18.21
CA PRO B 284 -18.81 11.06 19.39
C PRO B 284 -19.45 11.78 20.59
N ASN B 285 -20.50 11.17 21.16
CA ASN B 285 -21.31 11.70 22.29
C ASN B 285 -20.59 11.40 23.61
N LEU B 286 -20.02 12.42 24.27
CA LEU B 286 -19.36 12.32 25.60
C LEU B 286 -20.28 11.63 26.62
N GLU B 287 -21.55 12.03 26.68
CA GLU B 287 -22.57 11.51 27.64
C GLU B 287 -22.69 9.97 27.51
N ASP B 288 -22.83 9.46 26.28
CA ASP B 288 -22.96 8.01 25.96
C ASP B 288 -21.64 7.28 26.30
N ALA B 289 -20.50 7.88 25.96
CA ALA B 289 -19.19 7.31 26.31
C ALA B 289 -19.14 7.14 27.82
N LYS B 290 -19.59 8.14 28.59
CA LYS B 290 -19.53 8.11 30.07
C LYS B 290 -20.52 7.06 30.58
N ARG B 291 -21.72 7.06 30.02
CA ARG B 291 -22.76 6.08 30.37
C ARG B 291 -22.11 4.71 30.20
N PHE B 292 -21.67 4.42 28.98
CA PHE B 292 -21.13 3.09 28.60
C PHE B 292 -20.07 2.68 29.61
N ALA B 293 -19.15 3.59 29.94
CA ALA B 293 -17.99 3.32 30.83
C ALA B 293 -18.49 2.91 32.22
N ASP B 294 -19.45 3.68 32.76
CA ASP B 294 -19.87 3.56 34.18
C ASP B 294 -20.44 2.17 34.38
N ALA B 295 -21.42 1.80 33.56
CA ALA B 295 -22.06 0.47 33.50
C ALA B 295 -20.98 -0.62 33.50
N ILE B 296 -19.93 -0.49 32.69
CA ILE B 296 -18.85 -1.52 32.65
C ILE B 296 -18.12 -1.51 34.00
N HIS B 297 -17.77 -0.32 34.49
CA HIS B 297 -16.89 -0.14 35.68
C HIS B 297 -17.57 -0.64 36.97
N LYS B 298 -18.89 -0.51 37.08
CA LYS B 298 -19.66 -1.01 38.23
C LYS B 298 -19.32 -2.51 38.45
N GLU B 299 -19.37 -3.33 37.40
CA GLU B 299 -19.09 -4.78 37.49
C GLU B 299 -17.62 -5.07 37.25
N HIS B 300 -16.93 -4.19 36.52
CA HIS B 300 -15.53 -4.43 36.09
C HIS B 300 -14.69 -3.20 36.40
N PRO B 301 -14.37 -2.96 37.69
CA PRO B 301 -13.67 -1.74 38.09
C PRO B 301 -12.31 -1.62 37.39
N GLY B 302 -12.09 -0.45 36.80
CA GLY B 302 -10.90 -0.08 36.00
C GLY B 302 -10.68 -1.03 34.83
N LYS B 303 -11.74 -1.49 34.16
CA LYS B 303 -11.61 -2.16 32.84
C LYS B 303 -11.02 -1.13 31.85
N LEU B 304 -9.93 -1.47 31.18
CA LEU B 304 -9.40 -0.65 30.07
C LEU B 304 -10.44 -0.64 28.95
N LEU B 305 -10.86 0.54 28.51
CA LEU B 305 -11.83 0.64 27.39
C LEU B 305 -11.13 1.19 26.17
N ALA B 306 -11.76 1.02 25.01
CA ALA B 306 -11.23 1.46 23.70
C ALA B 306 -12.29 2.31 23.01
N TYR B 307 -11.90 3.29 22.19
CA TYR B 307 -12.83 4.20 21.47
C TYR B 307 -12.30 4.54 20.06
N ASN B 308 -13.14 4.26 19.06
CA ASN B 308 -12.93 4.65 17.64
C ASN B 308 -13.33 6.11 17.41
N CYS B 309 -12.38 7.05 17.46
CA CYS B 309 -12.62 8.45 17.02
C CYS B 309 -12.72 8.47 15.50
N SER B 310 -13.91 8.13 15.00
CA SER B 310 -14.15 7.66 13.61
C SER B 310 -14.10 8.84 12.64
N PRO B 311 -13.37 8.70 11.50
CA PRO B 311 -13.52 9.62 10.38
C PRO B 311 -14.89 9.56 9.71
N SER B 312 -15.70 8.54 10.02
CA SER B 312 -17.13 8.48 9.61
C SER B 312 -17.95 9.53 10.36
N PHE B 313 -17.40 10.19 11.40
CA PHE B 313 -18.03 11.39 12.04
C PHE B 313 -17.52 12.65 11.36
N ASN B 314 -18.37 13.68 11.31
CA ASN B 314 -17.97 15.07 10.99
C ASN B 314 -17.51 15.74 12.29
N TRP B 315 -16.21 15.68 12.54
CA TRP B 315 -15.62 16.29 13.75
C TRP B 315 -15.74 17.82 13.67
N LYS B 316 -16.84 18.32 13.11
CA LYS B 316 -17.05 19.78 13.04
C LYS B 316 -18.54 20.08 13.15
N GLN B 317 -19.40 19.06 13.10
CA GLN B 317 -20.87 19.29 13.20
C GLN B 317 -21.51 18.25 14.10
N LEU B 319 -19.96 18.95 16.58
CA LEU B 319 -18.76 19.00 17.45
C LEU B 319 -18.17 20.40 17.37
N ASP B 320 -17.64 20.90 18.50
CA ASP B 320 -17.18 22.30 18.51
C ASP B 320 -15.65 22.29 18.59
N GLU B 321 -15.01 23.43 18.33
CA GLU B 321 -13.53 23.45 18.21
C GLU B 321 -12.78 23.18 19.52
N LYS B 322 -13.21 23.70 20.65
CA LYS B 322 -12.40 23.45 21.87
C LYS B 322 -12.73 22.07 22.44
N ALA B 323 -13.93 21.58 22.15
CA ALA B 323 -14.35 20.24 22.65
C ALA B 323 -13.51 19.14 21.98
N ILE B 324 -13.15 19.33 20.70
CA ILE B 324 -12.39 18.42 19.77
C ILE B 324 -10.90 18.32 20.16
N ALA B 325 -10.25 19.46 20.46
CA ALA B 325 -8.86 19.61 20.97
C ALA B 325 -8.66 18.81 22.27
N SER B 326 -9.75 18.64 23.03
CA SER B 326 -9.77 18.07 24.39
C SER B 326 -10.54 16.75 24.41
N PHE B 327 -11.06 16.27 23.28
CA PHE B 327 -11.91 15.06 23.29
C PHE B 327 -11.11 13.88 23.85
N GLN B 328 -9.91 13.66 23.33
CA GLN B 328 -9.21 12.41 23.68
C GLN B 328 -8.95 12.44 25.19
N LYS B 329 -8.42 13.54 25.70
CA LYS B 329 -8.11 13.71 27.14
C LYS B 329 -9.44 13.53 27.91
N GLU B 330 -10.52 14.04 27.35
CA GLU B 330 -11.86 14.06 28.01
C GLU B 330 -12.34 12.61 28.20
N ILE B 331 -12.15 11.72 27.22
CA ILE B 331 -12.73 10.34 27.26
C ILE B 331 -11.78 9.35 27.93
N ALA B 332 -10.47 9.61 27.86
CA ALA B 332 -9.45 8.91 28.68
C ALA B 332 -9.81 8.99 30.17
N SER B 333 -10.32 10.14 30.60
CA SER B 333 -11.05 10.41 31.88
C SER B 333 -12.00 9.27 32.27
N TYR B 334 -12.92 8.90 31.38
CA TYR B 334 -13.94 7.86 31.67
C TYR B 334 -13.33 6.45 31.71
N GLY B 335 -12.11 6.23 31.18
CA GLY B 335 -11.47 4.90 31.10
C GLY B 335 -11.09 4.45 29.67
N TYR B 336 -11.28 5.28 28.65
CA TYR B 336 -10.96 4.95 27.23
C TYR B 336 -9.48 5.21 26.99
N LYS B 337 -8.64 4.22 27.30
CA LYS B 337 -7.16 4.40 27.39
C LYS B 337 -6.55 4.08 26.03
N PHE B 338 -7.24 3.32 25.16
CA PHE B 338 -6.83 3.05 23.76
C PHE B 338 -7.82 3.71 22.80
N GLN B 339 -7.34 4.72 22.05
CA GLN B 339 -8.17 5.52 21.12
C GLN B 339 -7.47 5.52 19.77
N PHE B 340 -8.24 5.50 18.68
CA PHE B 340 -7.71 5.31 17.31
C PHE B 340 -8.63 5.97 16.29
N VAL B 341 -8.03 6.66 15.32
CA VAL B 341 -8.69 7.13 14.07
C VAL B 341 -8.51 6.02 13.01
N THR B 342 -9.56 5.25 12.78
CA THR B 342 -9.53 3.98 12.02
C THR B 342 -8.91 4.21 10.64
N LEU B 343 -9.35 5.27 9.95
CA LEU B 343 -9.13 5.47 8.48
C LEU B 343 -8.21 6.64 8.22
N ALA B 344 -7.33 6.99 9.16
CA ALA B 344 -6.40 8.13 9.01
C ALA B 344 -5.55 7.91 7.74
N GLY B 345 -5.13 6.67 7.50
CA GLY B 345 -4.17 6.33 6.42
C GLY B 345 -4.84 6.45 5.08
N PHE B 346 -6.11 6.05 4.97
CA PHE B 346 -6.89 6.12 3.71
C PHE B 346 -7.09 7.59 3.28
N HIS B 347 -7.42 8.46 4.24
CA HIS B 347 -7.68 9.90 3.99
C HIS B 347 -6.37 10.65 3.73
N SER B 348 -5.35 10.44 4.56
CA SER B 348 -3.96 10.93 4.37
C SER B 348 -3.45 10.60 2.96
N LEU B 349 -3.62 9.35 2.53
CA LEU B 349 -3.10 8.79 1.25
C LEU B 349 -3.88 9.40 0.07
N ASN B 350 -5.21 9.33 0.08
CA ASN B 350 -6.06 9.84 -1.04
C ASN B 350 -6.03 11.38 -1.10
N TYR B 351 -6.07 12.06 0.01
CA TYR B 351 -6.11 13.54 -0.01
C TYR B 351 -4.80 14.05 -0.62
N GLY B 352 -3.68 13.58 -0.07
CA GLY B 352 -2.31 13.95 -0.47
C GLY B 352 -2.07 13.71 -1.95
N MET B 353 -2.45 12.55 -2.48
CA MET B 353 -2.15 12.23 -3.90
C MET B 353 -3.09 13.04 -4.81
N PHE B 354 -4.35 13.25 -4.41
CA PHE B 354 -5.30 14.07 -5.22
C PHE B 354 -4.80 15.52 -5.28
N GLU B 355 -4.42 16.12 -4.15
CA GLU B 355 -3.99 17.54 -4.15
C GLU B 355 -2.68 17.68 -4.92
N LEU B 356 -1.78 16.70 -4.81
CA LEU B 356 -0.49 16.72 -5.54
C LEU B 356 -0.75 16.55 -7.05
N ALA B 357 -1.61 15.62 -7.44
CA ALA B 357 -1.83 15.34 -8.87
C ALA B 357 -2.45 16.58 -9.53
N ARG B 358 -3.25 17.33 -8.77
CA ARG B 358 -4.01 18.50 -9.27
C ARG B 358 -3.06 19.70 -9.33
N GLY B 359 -2.30 20.00 -8.28
CA GLY B 359 -1.17 20.93 -8.32
C GLY B 359 -0.31 20.67 -9.56
N TYR B 360 -0.03 19.39 -9.83
CA TYR B 360 0.92 18.95 -10.88
C TYR B 360 0.27 19.16 -12.25
N LYS B 361 -0.95 18.68 -12.44
CA LYS B 361 -1.68 18.91 -13.70
C LYS B 361 -1.67 20.40 -14.00
N GLU B 362 -1.90 21.24 -12.99
CA GLU B 362 -2.12 22.71 -13.18
C GLU B 362 -0.77 23.43 -13.33
N ARG B 363 0.27 23.05 -12.59
CA ARG B 363 1.48 23.90 -12.45
C ARG B 363 2.79 23.10 -12.51
N GLY B 364 2.74 21.82 -12.92
CA GLY B 364 3.88 20.92 -13.12
C GLY B 364 4.80 20.83 -11.92
N MET B 365 6.10 20.86 -12.16
CA MET B 365 7.12 20.57 -11.12
C MET B 365 7.11 21.64 -10.02
N ALA B 366 6.55 22.83 -10.26
CA ALA B 366 6.33 23.86 -9.22
C ALA B 366 5.59 23.24 -8.03
N ALA B 367 4.46 22.57 -8.32
CA ALA B 367 3.61 21.80 -7.38
C ALA B 367 4.48 20.80 -6.64
N TYR B 368 5.27 20.02 -7.37
CA TYR B 368 6.07 18.94 -6.74
C TYR B 368 7.05 19.64 -5.80
N SER B 369 7.70 20.73 -6.21
CA SER B 369 8.68 21.45 -5.36
C SER B 369 8.02 21.97 -4.07
N GLU B 370 6.71 22.22 -4.05
CA GLU B 370 6.01 22.54 -2.77
C GLU B 370 6.08 21.36 -1.78
N LEU B 371 5.85 20.12 -2.26
CA LEU B 371 5.94 18.91 -1.39
C LEU B 371 7.38 18.79 -0.86
N GLN B 372 8.34 18.76 -1.75
CA GLN B 372 9.79 18.63 -1.42
C GLN B 372 10.20 19.67 -0.38
N GLN B 373 9.83 20.94 -0.61
CA GLN B 373 10.10 22.06 0.34
C GLN B 373 9.36 21.79 1.66
N ALA B 374 8.12 21.35 1.61
CA ALA B 374 7.38 20.97 2.84
C ALA B 374 8.16 19.85 3.53
N GLU B 375 8.78 18.95 2.76
CA GLU B 375 9.57 17.78 3.26
C GLU B 375 10.84 18.27 3.98
N PHE B 376 11.60 19.18 3.38
CA PHE B 376 12.86 19.76 3.91
C PHE B 376 12.58 20.49 5.23
N ALA B 377 11.55 21.34 5.27
CA ALA B 377 11.20 22.08 6.52
C ALA B 377 10.87 21.04 7.61
N ALA B 378 10.24 19.92 7.28
CA ALA B 378 9.87 18.86 8.25
C ALA B 378 11.08 18.01 8.71
N GLU B 379 12.27 18.10 8.10
CA GLU B 379 13.48 17.34 8.58
C GLU B 379 13.77 17.59 10.07
N LYS B 380 13.77 18.85 10.49
CA LYS B 380 14.20 19.24 11.87
C LYS B 380 13.23 18.66 12.91
N HIS B 381 12.00 18.30 12.52
CA HIS B 381 10.98 17.69 13.43
C HIS B 381 11.11 16.15 13.46
N GLY B 382 11.98 15.53 12.67
CA GLY B 382 12.28 14.08 12.74
C GLY B 382 11.84 13.33 11.49
N TYR B 383 11.47 14.06 10.44
CA TYR B 383 11.15 13.50 9.11
C TYR B 383 12.45 13.26 8.36
N SER B 384 12.86 12.02 8.22
CA SER B 384 14.12 11.66 7.52
C SER B 384 13.85 11.28 6.05
N ALA B 385 12.60 11.09 5.64
CA ALA B 385 12.22 10.43 4.36
C ALA B 385 12.59 11.31 3.16
N THR B 386 12.89 12.57 3.42
CA THR B 386 13.40 13.54 2.42
C THR B 386 14.71 12.96 1.84
N ARG B 387 15.56 12.34 2.67
CA ARG B 387 16.78 11.61 2.24
C ARG B 387 16.39 10.16 1.94
N HIS B 388 15.75 9.96 0.81
CA HIS B 388 14.91 8.76 0.53
C HIS B 388 15.75 7.49 0.46
N GLN B 389 17.04 7.58 0.13
CA GLN B 389 17.86 6.36 -0.10
C GLN B 389 18.23 5.79 1.26
N ARG B 390 18.45 6.67 2.22
CA ARG B 390 18.85 6.29 3.59
C ARG B 390 17.62 5.66 4.24
N GLU B 391 16.45 6.29 4.04
CA GLU B 391 15.16 5.90 4.67
C GLU B 391 14.87 4.42 4.43
N VAL B 392 15.23 3.90 3.26
CA VAL B 392 14.89 2.53 2.81
C VAL B 392 16.05 1.54 3.08
N GLY B 393 17.17 2.04 3.59
CA GLY B 393 18.24 1.21 4.14
C GLY B 393 19.32 1.00 3.13
N THR B 394 19.47 1.91 2.15
CA THR B 394 20.60 1.87 1.19
C THR B 394 21.93 1.80 1.98
N GLY B 395 22.07 2.57 3.07
CA GLY B 395 23.29 2.60 3.90
C GLY B 395 23.51 1.27 4.62
N TYR B 396 22.43 0.64 5.05
CA TYR B 396 22.43 -0.64 5.82
C TYR B 396 23.03 -1.71 4.90
N PHE B 397 22.59 -1.78 3.64
CA PHE B 397 23.02 -2.79 2.64
C PHE B 397 24.42 -2.42 2.11
N ASP B 398 24.78 -1.14 2.06
CA ASP B 398 26.20 -0.79 1.77
C ASP B 398 27.11 -1.43 2.84
N GLU B 399 26.79 -1.25 4.12
CA GLU B 399 27.55 -1.78 5.27
C GLU B 399 27.62 -3.33 5.17
N VAL B 400 26.53 -3.98 4.73
CA VAL B 400 26.53 -5.45 4.47
C VAL B 400 27.53 -5.74 3.36
N ALA B 401 27.51 -4.97 2.27
CA ALA B 401 28.45 -5.17 1.15
C ALA B 401 29.90 -5.01 1.66
N GLN B 402 30.18 -3.99 2.47
CA GLN B 402 31.57 -3.76 2.97
C GLN B 402 31.99 -4.95 3.84
N VAL B 403 31.08 -5.50 4.64
CA VAL B 403 31.45 -6.62 5.56
C VAL B 403 31.76 -7.86 4.73
N ILE B 404 30.92 -8.20 3.76
CA ILE B 404 31.06 -9.37 2.85
C ILE B 404 32.38 -9.25 2.08
N THR B 405 32.68 -8.07 1.51
CA THR B 405 33.85 -7.82 0.65
C THR B 405 35.09 -7.38 1.45
N GLY B 406 35.01 -7.31 2.78
CA GLY B 406 36.06 -6.69 3.63
C GLY B 406 36.50 -5.31 3.14
N GLY B 407 35.58 -4.51 2.61
CA GLY B 407 35.79 -3.08 2.32
C GLY B 407 36.22 -2.81 0.89
N THR B 408 36.45 -3.85 0.08
CA THR B 408 37.09 -3.74 -1.28
C THR B 408 36.05 -3.47 -2.38
N SER B 409 34.75 -3.46 -2.05
CA SER B 409 33.63 -3.24 -3.01
C SER B 409 33.82 -1.89 -3.71
N SER B 410 33.71 -1.91 -5.03
CA SER B 410 33.71 -0.70 -5.89
C SER B 410 32.27 -0.35 -6.30
N THR B 411 31.29 -1.22 -6.01
CA THR B 411 29.87 -1.04 -6.40
C THR B 411 28.97 -0.67 -5.20
N THR B 412 29.55 -0.37 -4.03
CA THR B 412 28.89 0.42 -2.95
C THR B 412 28.03 1.52 -3.57
N ALA B 413 26.82 1.73 -3.04
CA ALA B 413 25.73 2.55 -3.63
C ALA B 413 25.85 4.05 -3.24
N LEU B 414 26.01 4.37 -1.95
CA LEU B 414 25.80 5.74 -1.39
C LEU B 414 26.93 6.66 -1.84
N LYS B 415 28.20 6.25 -1.70
CA LYS B 415 29.37 7.05 -2.17
C LYS B 415 29.31 7.13 -3.71
N GLY B 416 29.15 8.34 -4.27
CA GLY B 416 28.92 8.62 -5.70
C GLY B 416 27.49 9.06 -6.03
N SER B 417 26.60 9.12 -5.02
CA SER B 417 25.15 9.41 -5.16
C SER B 417 24.87 10.92 -5.22
N THR B 418 23.84 11.29 -5.98
CA THR B 418 23.54 12.69 -6.43
C THR B 418 22.13 13.06 -5.96
MG MG C . 13.87 1.43 -10.58
C1 SIN D . 14.96 8.20 -8.81
O1 SIN D . 14.26 8.83 -9.60
O2 SIN D . 15.78 8.75 -8.02
C2 SIN D . 14.77 6.69 -8.69
C3 SIN D . 14.31 5.89 -9.91
C4 SIN D . 15.41 5.12 -10.62
O3 SIN D . 16.23 5.82 -11.26
O4 SIN D . 15.47 3.83 -10.54
C1 GLV E . 12.86 3.83 -11.76
O1 GLV E . 13.49 2.81 -12.01
C2 GLV E . 12.08 3.83 -10.45
O2 GLV E . 11.19 4.68 -10.26
O3 GLV E . 12.39 2.91 -9.69
MG MG F . -13.12 -3.64 10.34
C1 SIN G . -14.82 3.28 10.58
O1 SIN G . -15.79 3.54 9.83
O2 SIN G . -14.42 4.03 11.48
C2 SIN G . -14.09 1.96 10.41
C3 SIN G . -14.22 1.02 11.60
C4 SIN G . -15.18 -0.15 11.40
O3 SIN G . -16.23 -0.09 12.02
O4 SIN G . -14.85 -1.14 10.65
C1 GLV H . -12.54 -1.24 12.44
O1 GLV H . -13.15 -2.25 12.69
C2 GLV H . -12.05 -1.00 11.02
O2 GLV H . -11.41 0.04 10.77
O3 GLV H . -12.33 -1.90 10.23
#